data_6PWJ
#
_entry.id   6PWJ
#
_cell.length_a   129.830
_cell.length_b   129.830
_cell.length_c   114.441
_cell.angle_alpha   90.000
_cell.angle_beta   90.000
_cell.angle_gamma   120.000
#
_symmetry.space_group_name_H-M   'P 32 2 1'
#
loop_
_entity.id
_entity.type
_entity.pdbx_description
1 polymer 'GGDEF and EAL domain-containing protein'
2 non-polymer 'MAGNESIUM ION'
3 non-polymer 'TRIETHYLENE GLYCOL'
4 water water
#
_entity_poly.entity_id   1
_entity_poly.type   'polypeptide(L)'
_entity_poly.pdbx_seq_one_letter_code
;KAFKAQAKEAQQLRERAYLDPVSHLGNRAYYMSQLSGWLSESGIGGVAILQAEFIKELYEEKGYEAGDGMVRELADRLKN
SITIKDISIARISTYEFGIIMPNMDETELKIVAESIITCVDDINPDPTGMAKANLSLGVVSNKRQSSTTTLLSLLDNALA
KAKSNPELNYGFISSDTDKIILGKQQWKTLVEEAIHNDWFTFRYQAANSSWGKTFHREVFSAFEKDGVRYTANQFLFALE
QLNASHIFDQYVIERVIQQLEKGELTDPLAINIAQGSISQPSFIRWISQTLSKHLSVANLLHFEIPEGCFVNEPHYTALF
CNAVRNAGADFGVDNYGRNFQSLDYINEFRPKYVKLDYLFTHHLDDERQKFTLTSISRTAHNLGITTIASRVETQTQLDF
LSEHFIEVFQGFIVDKAA
;
_entity_poly.pdbx_strand_id   A,B
#
loop_
_chem_comp.id
_chem_comp.type
_chem_comp.name
_chem_comp.formula
MG non-polymer 'MAGNESIUM ION' 'Mg 2'
PGE non-polymer 'TRIETHYLENE GLYCOL' 'C6 H14 O4'
#
# COMPACT_ATOMS: atom_id res chain seq x y z
N LYS A 1 11.07 35.79 2.16
CA LYS A 1 10.77 35.97 3.57
C LYS A 1 11.88 35.42 4.45
N ALA A 2 12.18 36.13 5.54
CA ALA A 2 13.14 35.63 6.51
C ALA A 2 12.60 34.38 7.20
N PHE A 3 13.44 33.76 8.03
CA PHE A 3 13.06 32.50 8.64
C PHE A 3 11.82 32.65 9.51
N LYS A 4 11.91 33.49 10.55
CA LYS A 4 10.82 33.58 11.52
C LYS A 4 9.51 33.92 10.85
N ALA A 5 9.55 34.73 9.80
CA ALA A 5 8.33 35.00 9.03
C ALA A 5 7.91 33.75 8.25
N GLN A 6 8.87 33.04 7.67
CA GLN A 6 8.56 31.84 6.90
C GLN A 6 8.08 30.71 7.82
N ALA A 7 8.79 30.49 8.93
CA ALA A 7 8.40 29.43 9.86
C ALA A 7 7.01 29.69 10.43
N LYS A 8 6.72 30.93 10.82
CA LYS A 8 5.40 31.25 11.33
C LYS A 8 4.34 31.07 10.25
N GLU A 9 4.68 31.37 9.00
CA GLU A 9 3.75 31.09 7.90
C GLU A 9 3.52 29.60 7.76
N ALA A 10 4.59 28.79 7.91
CA ALA A 10 4.45 27.35 7.80
C ALA A 10 3.62 26.78 8.96
N GLN A 11 3.81 27.32 10.16
CA GLN A 11 3.04 26.84 11.30
C GLN A 11 1.59 27.25 11.22
N GLN A 12 1.30 28.42 10.63
CA GLN A 12 -0.09 28.80 10.40
C GLN A 12 -0.76 27.88 9.39
N LEU A 13 -0.09 27.66 8.25
CA LEU A 13 -0.68 26.81 7.21
C LEU A 13 -0.85 25.38 7.71
N ARG A 14 0.13 24.86 8.44
CA ARG A 14 0.02 23.50 8.96
C ARG A 14 -1.16 23.37 9.91
N GLU A 15 -1.40 24.41 10.71
CA GLU A 15 -2.50 24.35 11.67
C GLU A 15 -3.86 24.44 10.98
N ARG A 16 -3.97 25.31 9.96
CA ARG A 16 -5.24 25.46 9.27
C ARG A 16 -5.54 24.27 8.38
N ALA A 17 -4.51 23.55 7.92
CA ALA A 17 -4.71 22.47 6.97
C ALA A 17 -4.92 21.12 7.62
N TYR A 18 -4.40 20.91 8.83
CA TYR A 18 -4.42 19.58 9.44
C TYR A 18 -5.01 19.54 10.85
N LEU A 19 -5.35 20.68 11.45
CA LEU A 19 -5.84 20.71 12.81
C LEU A 19 -7.27 21.26 12.85
N ASP A 20 -8.09 20.67 13.72
CA ASP A 20 -9.45 21.15 13.92
C ASP A 20 -9.43 22.42 14.77
N PRO A 21 -10.04 23.51 14.31
CA PRO A 21 -9.94 24.77 15.07
C PRO A 21 -10.40 24.65 16.51
N VAL A 22 -11.60 24.09 16.74
CA VAL A 22 -12.13 24.04 18.10
C VAL A 22 -11.31 23.10 18.97
N SER A 23 -11.18 21.85 18.54
CA SER A 23 -10.52 20.84 19.37
C SER A 23 -9.01 21.05 19.42
N HIS A 24 -8.43 21.63 18.37
CA HIS A 24 -6.98 21.69 18.18
C HIS A 24 -6.36 20.31 18.00
N LEU A 25 -7.19 19.27 17.84
CA LEU A 25 -6.72 17.97 17.44
C LEU A 25 -6.57 17.92 15.92
N GLY A 26 -6.09 16.79 15.42
CA GLY A 26 -6.08 16.60 13.98
C GLY A 26 -7.48 16.62 13.40
N ASN A 27 -7.59 17.09 12.16
CA ASN A 27 -8.88 17.20 11.50
C ASN A 27 -9.21 15.90 10.77
N ARG A 28 -10.28 15.92 9.98
CA ARG A 28 -10.69 14.71 9.25
C ARG A 28 -9.61 14.26 8.29
N ALA A 29 -9.01 15.19 7.53
CA ALA A 29 -7.97 14.83 6.58
C ALA A 29 -6.74 14.29 7.31
N TYR A 30 -6.34 14.93 8.41
CA TYR A 30 -5.24 14.43 9.21
C TYR A 30 -5.46 12.97 9.59
N TYR A 31 -6.64 12.67 10.15
CA TYR A 31 -6.96 11.29 10.51
C TYR A 31 -6.90 10.37 9.29
N MET A 32 -7.38 10.85 8.14
CA MET A 32 -7.36 10.03 6.94
C MET A 32 -5.93 9.78 6.46
N SER A 33 -5.09 10.81 6.50
CA SER A 33 -3.70 10.65 6.08
C SER A 33 -2.93 9.78 7.06
N GLN A 34 -3.10 10.03 8.37
CA GLN A 34 -2.42 9.21 9.36
C GLN A 34 -2.78 7.74 9.22
N LEU A 35 -4.06 7.45 8.98
CA LEU A 35 -4.50 6.06 8.90
C LEU A 35 -3.86 5.36 7.70
N SER A 36 -3.82 6.02 6.56
CA SER A 36 -3.26 5.38 5.36
C SER A 36 -1.77 5.11 5.52
N GLY A 37 -1.03 6.05 6.12
CA GLY A 37 0.41 5.85 6.27
C GLY A 37 0.75 4.74 7.24
N TRP A 38 0.01 4.65 8.35
CA TRP A 38 0.28 3.61 9.34
C TRP A 38 -0.14 2.24 8.81
N LEU A 39 -1.28 2.17 8.11
CA LEU A 39 -1.75 0.88 7.60
C LEU A 39 -0.84 0.34 6.50
N SER A 40 -0.34 1.22 5.63
CA SER A 40 0.51 0.78 4.53
C SER A 40 1.92 0.45 4.97
N GLU A 41 2.38 0.99 6.10
CA GLU A 41 3.74 0.76 6.55
C GLU A 41 3.84 -0.41 7.53
N SER A 42 2.97 -0.44 8.54
CA SER A 42 3.03 -1.49 9.54
C SER A 42 1.65 -2.08 9.83
N GLY A 43 0.69 -1.22 10.17
CA GLY A 43 -0.63 -1.70 10.53
C GLY A 43 -0.68 -2.46 11.83
N ILE A 44 0.35 -2.35 12.66
CA ILE A 44 0.42 -3.04 13.94
C ILE A 44 0.03 -2.05 15.03
N GLY A 45 -1.00 -2.39 15.79
CA GLY A 45 -1.45 -1.51 16.86
C GLY A 45 -2.96 -1.50 17.01
N GLY A 46 -3.50 -0.39 17.48
CA GLY A 46 -4.93 -0.27 17.69
C GLY A 46 -5.46 1.07 17.20
N VAL A 47 -6.71 1.05 16.78
CA VAL A 47 -7.44 2.25 16.36
C VAL A 47 -8.76 2.26 17.11
N ALA A 48 -9.20 3.46 17.50
CA ALA A 48 -10.43 3.62 18.27
C ALA A 48 -11.23 4.78 17.72
N ILE A 49 -12.55 4.63 17.72
CA ILE A 49 -13.48 5.69 17.35
C ILE A 49 -14.36 5.99 18.55
N LEU A 50 -14.30 7.22 19.03
CA LEU A 50 -15.11 7.66 20.16
C LEU A 50 -16.29 8.47 19.63
N GLN A 51 -17.49 7.97 19.83
CA GLN A 51 -18.72 8.68 19.46
C GLN A 51 -19.26 9.35 20.72
N ALA A 52 -18.95 10.64 20.88
CA ALA A 52 -19.40 11.41 22.04
C ALA A 52 -20.85 11.83 21.81
N GLU A 53 -21.76 10.91 22.13
CA GLU A 53 -23.18 11.20 21.99
C GLU A 53 -23.60 12.41 22.82
N PHE A 54 -22.98 12.59 24.00
CA PHE A 54 -23.35 13.73 24.84
C PHE A 54 -22.95 15.04 24.20
N ILE A 55 -21.89 15.05 23.39
CA ILE A 55 -21.54 16.25 22.64
C ILE A 55 -22.57 16.51 21.54
N LYS A 56 -23.03 15.43 20.90
CA LYS A 56 -24.07 15.59 19.87
C LYS A 56 -25.33 16.22 20.45
N GLU A 57 -25.72 15.80 21.65
CA GLU A 57 -26.93 16.35 22.27
C GLU A 57 -26.77 17.82 22.57
N LEU A 58 -25.61 18.22 23.11
CA LEU A 58 -25.36 19.63 23.41
C LEU A 58 -25.46 20.48 22.14
N TYR A 59 -24.95 19.98 21.03
CA TYR A 59 -25.04 20.73 19.77
C TYR A 59 -26.48 20.90 19.34
N GLU A 60 -27.30 19.84 19.45
CA GLU A 60 -28.68 19.89 18.99
C GLU A 60 -29.62 20.51 20.03
N GLU A 61 -29.24 20.52 21.31
CA GLU A 61 -30.10 21.02 22.36
C GLU A 61 -29.67 22.38 22.90
N LYS A 62 -28.38 22.64 23.03
CA LYS A 62 -27.89 23.89 23.63
C LYS A 62 -27.21 24.84 22.66
N GLY A 63 -26.81 24.38 21.48
CA GLY A 63 -26.22 25.26 20.48
C GLY A 63 -24.73 25.02 20.33
N TYR A 64 -24.12 25.88 19.50
CA TYR A 64 -22.73 25.68 19.13
C TYR A 64 -21.78 25.98 20.29
N GLU A 65 -22.09 27.00 21.09
CA GLU A 65 -21.20 27.35 22.19
C GLU A 65 -21.01 26.20 23.16
N ALA A 66 -22.11 25.56 23.56
CA ALA A 66 -22.01 24.43 24.48
C ALA A 66 -21.25 23.27 23.86
N GLY A 67 -21.57 22.93 22.60
CA GLY A 67 -20.89 21.83 21.95
C GLY A 67 -19.41 22.12 21.73
N ASP A 68 -19.11 23.30 21.17
CA ASP A 68 -17.71 23.66 20.94
C ASP A 68 -16.91 23.60 22.24
N GLY A 69 -17.42 24.23 23.30
CA GLY A 69 -16.71 24.22 24.56
C GLY A 69 -16.47 22.82 25.10
N MET A 70 -17.44 21.93 24.91
CA MET A 70 -17.28 20.56 25.37
C MET A 70 -16.33 19.76 24.49
N VAL A 71 -16.31 20.04 23.19
CA VAL A 71 -15.34 19.40 22.30
C VAL A 71 -13.93 19.78 22.73
N ARG A 72 -13.69 21.06 22.98
CA ARG A 72 -12.36 21.50 23.41
C ARG A 72 -11.99 20.88 24.76
N GLU A 73 -12.94 20.80 25.69
CA GLU A 73 -12.64 20.24 27.00
C GLU A 73 -12.28 18.77 26.91
N LEU A 74 -13.03 18.00 26.11
CA LEU A 74 -12.70 16.59 25.93
C LEU A 74 -11.40 16.42 25.15
N ALA A 75 -11.18 17.26 24.14
CA ALA A 75 -9.95 17.16 23.35
C ALA A 75 -8.73 17.38 24.23
N ASP A 76 -8.73 18.44 25.04
CA ASP A 76 -7.61 18.67 25.95
C ASP A 76 -7.46 17.52 26.94
N ARG A 77 -8.58 16.96 27.40
CA ARG A 77 -8.51 15.84 28.34
C ARG A 77 -7.86 14.63 27.69
N LEU A 78 -8.32 14.25 26.50
CA LEU A 78 -7.70 13.15 25.77
C LEU A 78 -6.25 13.46 25.44
N LYS A 79 -5.99 14.68 24.98
CA LYS A 79 -4.63 15.06 24.60
C LYS A 79 -3.66 14.97 25.78
N ASN A 80 -4.15 15.21 26.99
CA ASN A 80 -3.30 15.15 28.18
C ASN A 80 -3.36 13.81 28.90
N SER A 81 -4.47 13.08 28.78
CA SER A 81 -4.65 11.84 29.51
C SER A 81 -4.12 10.62 28.78
N ILE A 82 -4.05 10.65 27.45
CA ILE A 82 -3.50 9.54 26.68
C ILE A 82 -2.17 9.96 26.04
N THR A 83 -1.07 9.78 26.77
CA THR A 83 0.26 10.11 26.28
C THR A 83 0.93 8.82 25.80
N ILE A 84 0.69 8.47 24.55
CA ILE A 84 1.28 7.29 23.92
C ILE A 84 2.11 7.76 22.75
N LYS A 85 3.28 7.14 22.57
CA LYS A 85 4.19 7.56 21.51
C LYS A 85 3.56 7.37 20.14
N ASP A 86 3.65 8.40 19.30
CA ASP A 86 3.17 8.36 17.92
C ASP A 86 1.66 8.17 17.85
N ILE A 87 0.93 8.53 18.90
CA ILE A 87 -0.52 8.43 18.88
C ILE A 87 -1.09 9.54 18.00
N SER A 88 -2.21 9.25 17.35
CA SER A 88 -2.92 10.23 16.53
C SER A 88 -4.31 10.44 17.12
N ILE A 89 -4.60 11.67 17.53
CA ILE A 89 -5.90 12.04 18.07
C ILE A 89 -6.51 13.06 17.10
N ALA A 90 -7.63 12.70 16.49
CA ALA A 90 -8.27 13.54 15.49
C ALA A 90 -9.76 13.66 15.78
N ARG A 91 -10.32 14.82 15.43
CA ARG A 91 -11.75 15.05 15.44
C ARG A 91 -12.25 14.78 14.03
N ILE A 92 -12.89 13.61 13.84
CA ILE A 92 -13.34 13.20 12.52
C ILE A 92 -14.79 13.58 12.26
N SER A 93 -15.43 14.30 13.17
CA SER A 93 -16.83 14.70 13.03
C SER A 93 -17.11 15.74 14.10
N THR A 94 -18.35 16.24 14.11
CA THR A 94 -18.73 17.23 15.13
C THR A 94 -18.68 16.64 16.52
N TYR A 95 -18.97 15.35 16.66
CA TYR A 95 -19.00 14.71 17.97
C TYR A 95 -18.22 13.40 18.01
N GLU A 96 -17.50 13.07 16.94
CA GLU A 96 -16.77 11.82 16.83
C GLU A 96 -15.27 12.07 16.82
N PHE A 97 -14.51 11.11 17.35
CA PHE A 97 -13.07 11.25 17.47
C PHE A 97 -12.41 9.94 17.09
N GLY A 98 -11.31 10.04 16.34
CA GLY A 98 -10.53 8.89 15.91
C GLY A 98 -9.16 8.90 16.54
N ILE A 99 -8.72 7.74 17.00
CA ILE A 99 -7.44 7.60 17.69
C ILE A 99 -6.68 6.43 17.08
N ILE A 100 -5.41 6.64 16.77
CA ILE A 100 -4.54 5.61 16.22
C ILE A 100 -3.40 5.37 17.21
N MET A 101 -3.24 4.13 17.64
CA MET A 101 -2.26 3.74 18.65
C MET A 101 -1.33 2.68 18.06
N PRO A 102 -0.23 3.08 17.43
CA PRO A 102 0.65 2.09 16.80
C PRO A 102 1.41 1.26 17.83
N ASN A 103 1.72 0.03 17.43
CA ASN A 103 2.59 -0.86 18.21
C ASN A 103 2.02 -1.17 19.59
N MET A 104 0.69 -1.24 19.70
CA MET A 104 0.02 -1.53 20.96
C MET A 104 -0.69 -2.88 20.87
N ASP A 105 -0.59 -3.66 21.94
CA ASP A 105 -1.24 -4.96 21.99
C ASP A 105 -2.65 -4.83 22.58
N GLU A 106 -3.38 -5.94 22.51
CA GLU A 106 -4.79 -5.93 22.93
C GLU A 106 -4.94 -5.53 24.39
N THR A 107 -4.05 -6.01 25.26
CA THR A 107 -4.16 -5.69 26.67
C THR A 107 -3.90 -4.21 26.94
N GLU A 108 -3.00 -3.60 26.17
CA GLU A 108 -2.75 -2.17 26.32
C GLU A 108 -3.87 -1.34 25.69
N LEU A 109 -4.43 -1.82 24.58
CA LEU A 109 -5.54 -1.11 23.96
C LEU A 109 -6.76 -1.10 24.88
N LYS A 110 -7.07 -2.24 25.51
CA LYS A 110 -8.22 -2.30 26.40
C LYS A 110 -8.02 -1.41 27.63
N ILE A 111 -6.78 -1.22 28.06
CA ILE A 111 -6.50 -0.28 29.14
C ILE A 111 -6.77 1.15 28.66
N VAL A 112 -6.31 1.49 27.46
CA VAL A 112 -6.53 2.81 26.91
C VAL A 112 -8.02 3.06 26.69
N ALA A 113 -8.78 2.00 26.36
CA ALA A 113 -10.22 2.15 26.17
C ALA A 113 -10.89 2.63 27.45
N GLU A 114 -10.53 2.01 28.58
CA GLU A 114 -11.06 2.47 29.86
C GLU A 114 -10.56 3.86 30.21
N SER A 115 -9.36 4.22 29.75
CA SER A 115 -8.86 5.58 29.98
C SER A 115 -9.65 6.60 29.20
N ILE A 116 -10.02 6.28 27.95
CA ILE A 116 -10.86 7.19 27.18
C ILE A 116 -12.24 7.32 27.81
N ILE A 117 -12.76 6.22 28.37
CA ILE A 117 -14.03 6.29 29.08
C ILE A 117 -13.90 7.17 30.32
N THR A 118 -12.75 7.07 31.01
CA THR A 118 -12.55 7.88 32.20
C THR A 118 -12.50 9.36 31.85
N CYS A 119 -11.93 9.70 30.70
CA CYS A 119 -11.93 11.09 30.26
C CYS A 119 -13.35 11.64 30.17
N VAL A 120 -14.25 10.87 29.57
CA VAL A 120 -15.63 11.33 29.42
C VAL A 120 -16.32 11.41 30.78
N ASP A 121 -16.01 10.49 31.69
CA ASP A 121 -16.63 10.51 33.00
C ASP A 121 -16.27 11.78 33.77
N ASP A 122 -15.04 12.28 33.58
CA ASP A 122 -14.61 13.49 34.26
C ASP A 122 -15.26 14.75 33.71
N ILE A 123 -16.03 14.65 32.63
CA ILE A 123 -16.55 15.83 31.95
C ILE A 123 -18.05 15.69 31.74
N ASN A 124 -18.70 14.89 32.59
CA ASN A 124 -20.14 14.63 32.54
C ASN A 124 -20.78 14.95 31.19
N ALA A 133 -26.50 7.92 24.78
CA ALA A 133 -26.57 8.61 26.06
C ALA A 133 -25.34 9.51 26.25
N ASN A 134 -24.22 8.89 26.61
CA ASN A 134 -22.97 9.61 26.79
C ASN A 134 -21.96 9.32 25.70
N LEU A 135 -21.81 8.08 25.26
CA LEU A 135 -20.79 7.77 24.27
C LEU A 135 -20.95 6.33 23.79
N SER A 136 -20.26 6.04 22.68
CA SER A 136 -20.11 4.68 22.16
C SER A 136 -18.69 4.56 21.64
N LEU A 137 -17.94 3.58 22.15
CA LEU A 137 -16.52 3.46 21.88
C LEU A 137 -16.25 2.15 21.14
N GLY A 138 -15.61 2.25 19.98
CA GLY A 138 -15.21 1.08 19.23
C GLY A 138 -13.70 0.99 19.11
N VAL A 139 -13.13 -0.13 19.55
CA VAL A 139 -11.69 -0.34 19.53
C VAL A 139 -11.38 -1.54 18.65
N VAL A 140 -10.36 -1.39 17.80
CA VAL A 140 -9.94 -2.44 16.88
C VAL A 140 -8.46 -2.71 17.10
N SER A 141 -8.11 -3.97 17.35
CA SER A 141 -6.73 -4.39 17.44
C SER A 141 -6.31 -4.95 16.09
N ASN A 142 -5.29 -4.33 15.48
CA ASN A 142 -4.86 -4.66 14.13
C ASN A 142 -3.46 -5.27 14.19
N LYS A 143 -3.28 -6.36 13.46
CA LYS A 143 -2.02 -7.10 13.48
C LYS A 143 -1.19 -6.95 12.22
N ARG A 144 -1.81 -6.84 11.05
CA ARG A 144 -1.09 -6.82 9.79
C ARG A 144 -1.52 -5.64 8.93
N GLN A 145 -0.74 -5.37 7.89
CA GLN A 145 -1.08 -4.33 6.94
C GLN A 145 -2.35 -4.70 6.19
N SER A 146 -3.28 -3.75 6.12
CA SER A 146 -4.53 -3.94 5.40
C SER A 146 -4.91 -2.63 4.73
N SER A 147 -6.06 -2.64 4.06
CA SER A 147 -6.55 -1.44 3.40
C SER A 147 -7.28 -0.54 4.40
N THR A 148 -7.27 0.76 4.13
CA THR A 148 -8.05 1.69 4.95
C THR A 148 -9.52 1.33 4.91
N THR A 149 -9.99 0.77 3.79
CA THR A 149 -11.38 0.34 3.71
C THR A 149 -11.66 -0.81 4.67
N THR A 150 -10.72 -1.75 4.80
CA THR A 150 -10.93 -2.90 5.66
C THR A 150 -10.91 -2.50 7.13
N LEU A 151 -9.98 -1.64 7.52
CA LEU A 151 -9.90 -1.22 8.92
C LEU A 151 -11.12 -0.39 9.32
N LEU A 152 -11.49 0.58 8.48
CA LEU A 152 -12.69 1.36 8.77
C LEU A 152 -13.92 0.46 8.85
N SER A 153 -13.92 -0.66 8.12
CA SER A 153 -15.01 -1.62 8.26
C SER A 153 -14.98 -2.29 9.62
N LEU A 154 -13.78 -2.65 10.10
CA LEU A 154 -13.66 -3.26 11.42
C LEU A 154 -14.09 -2.29 12.51
N LEU A 155 -13.67 -1.02 12.42
CA LEU A 155 -14.11 -0.02 13.38
C LEU A 155 -15.63 0.12 13.36
N ASP A 156 -16.24 0.09 12.17
CA ASP A 156 -17.68 0.21 12.09
C ASP A 156 -18.37 -0.95 12.79
N ASN A 157 -17.79 -2.14 12.71
CA ASN A 157 -18.33 -3.29 13.43
C ASN A 157 -18.03 -3.22 14.92
N ALA A 158 -16.87 -2.66 15.29
CA ALA A 158 -16.57 -2.47 16.70
C ALA A 158 -17.59 -1.55 17.36
N LEU A 159 -17.97 -0.47 16.66
CA LEU A 159 -19.02 0.40 17.19
C LEU A 159 -20.35 -0.32 17.26
N ALA A 160 -20.69 -1.09 16.23
CA ALA A 160 -21.97 -1.80 16.24
C ALA A 160 -22.07 -2.75 17.42
N LYS A 161 -20.96 -3.38 17.79
CA LYS A 161 -20.99 -4.32 18.91
C LYS A 161 -21.14 -3.59 20.24
N ALA A 162 -20.57 -2.39 20.37
CA ALA A 162 -20.74 -1.63 21.60
C ALA A 162 -22.20 -1.23 21.79
N LYS A 163 -22.89 -0.87 20.70
CA LYS A 163 -24.29 -0.51 20.79
C LYS A 163 -25.18 -1.74 20.93
N SER A 164 -24.84 -2.82 20.24
CA SER A 164 -25.66 -4.03 20.30
C SER A 164 -25.78 -4.55 21.72
N ASN A 165 -24.75 -4.37 22.55
CA ASN A 165 -24.77 -4.82 23.94
C ASN A 165 -24.11 -3.76 24.80
N PRO A 166 -24.87 -2.83 25.36
CA PRO A 166 -24.29 -1.84 26.29
C PRO A 166 -24.07 -2.41 27.68
N GLU A 167 -23.97 -3.74 27.82
CA GLU A 167 -23.46 -4.30 29.07
C GLU A 167 -21.96 -4.11 29.20
N LEU A 168 -21.29 -3.62 28.16
CA LEU A 168 -19.86 -3.35 28.17
C LEU A 168 -19.61 -1.87 27.90
N ASN A 169 -18.39 -1.43 28.21
CA ASN A 169 -18.03 -0.03 28.03
C ASN A 169 -17.61 0.28 26.60
N TYR A 170 -17.12 -0.72 25.87
CA TYR A 170 -16.59 -0.48 24.54
C TYR A 170 -16.65 -1.76 23.72
N GLY A 171 -16.92 -1.62 22.43
CA GLY A 171 -16.86 -2.76 21.53
C GLY A 171 -15.44 -2.98 21.05
N PHE A 172 -15.01 -4.25 21.05
CA PHE A 172 -13.63 -4.60 20.76
C PHE A 172 -13.60 -5.62 19.63
N ILE A 173 -12.72 -5.39 18.65
CA ILE A 173 -12.52 -6.31 17.53
C ILE A 173 -11.03 -6.57 17.39
N SER A 174 -10.68 -7.80 17.01
CA SER A 174 -9.30 -8.19 16.74
C SER A 174 -9.23 -8.89 15.40
N SER A 175 -8.23 -8.52 14.60
CA SER A 175 -8.02 -9.10 13.29
C SER A 175 -6.52 -9.32 13.11
N ASP A 176 -6.09 -10.57 13.13
CA ASP A 176 -7.01 -11.70 13.27
C ASP A 176 -6.94 -12.29 14.67
N LYS A 179 -3.38 -15.13 15.33
CA LYS A 179 -2.04 -14.55 15.38
C LYS A 179 -1.73 -14.06 16.80
N ILE A 180 -1.10 -14.92 17.59
CA ILE A 180 -0.72 -14.59 18.96
C ILE A 180 0.65 -13.91 18.90
N ILE A 181 0.69 -12.63 19.28
CA ILE A 181 1.86 -11.79 19.06
C ILE A 181 2.91 -12.02 20.14
N LEU A 182 3.94 -11.17 20.14
CA LEU A 182 5.08 -11.30 21.05
C LEU A 182 5.05 -10.17 22.08
N GLY A 183 5.48 -10.50 23.30
CA GLY A 183 5.64 -9.50 24.33
C GLY A 183 6.87 -8.65 24.11
N LYS A 184 7.01 -7.63 24.97
CA LYS A 184 8.14 -6.71 24.84
C LYS A 184 9.45 -7.39 25.21
N GLN A 185 9.49 -8.07 26.36
CA GLN A 185 10.69 -8.80 26.74
C GLN A 185 11.03 -9.90 25.74
N GLN A 186 10.01 -10.43 25.04
CA GLN A 186 10.27 -11.45 24.03
C GLN A 186 10.98 -10.85 22.82
N TRP A 187 10.65 -9.60 22.46
CA TRP A 187 11.38 -8.93 21.38
C TRP A 187 12.82 -8.67 21.77
N LYS A 188 13.06 -8.33 23.04
CA LYS A 188 14.42 -8.02 23.47
C LYS A 188 15.33 -9.24 23.34
N THR A 189 14.94 -10.36 23.96
CA THR A 189 15.72 -11.58 23.81
C THR A 189 15.86 -11.98 22.35
N LEU A 190 14.83 -11.71 21.54
CA LEU A 190 14.90 -12.05 20.13
C LEU A 190 15.87 -11.15 19.38
N VAL A 191 15.87 -9.85 19.71
CA VAL A 191 16.81 -8.93 19.08
C VAL A 191 18.23 -9.19 19.57
N GLU A 192 18.41 -9.38 20.88
CA GLU A 192 19.73 -9.66 21.40
C GLU A 192 20.31 -10.93 20.79
N GLU A 193 19.47 -11.91 20.48
CA GLU A 193 19.96 -13.11 19.82
C GLU A 193 20.43 -12.82 18.40
N ALA A 194 19.66 -12.02 17.65
CA ALA A 194 20.08 -11.63 16.32
C ALA A 194 21.35 -10.80 16.35
N ILE A 195 21.46 -9.91 17.35
CA ILE A 195 22.69 -9.15 17.51
C ILE A 195 23.84 -10.06 17.92
N HIS A 196 23.53 -11.16 18.61
CA HIS A 196 24.58 -12.07 19.07
C HIS A 196 25.23 -12.80 17.91
N ASN A 197 24.41 -13.38 17.02
CA ASN A 197 24.89 -14.18 15.91
C ASN A 197 25.04 -13.36 14.62
N ASP A 198 24.87 -12.04 14.69
CA ASP A 198 24.95 -11.19 13.50
C ASP A 198 23.95 -11.62 12.45
N TRP A 199 22.74 -11.96 12.89
CA TRP A 199 21.67 -12.39 11.99
C TRP A 199 21.11 -11.26 11.14
N PHE A 200 21.46 -10.02 11.42
CA PHE A 200 20.77 -8.88 10.82
C PHE A 200 21.17 -8.69 9.36
N THR A 201 20.17 -8.50 8.51
CA THR A 201 20.34 -8.10 7.12
C THR A 201 20.00 -6.63 6.98
N PHE A 202 20.70 -5.94 6.08
CA PHE A 202 20.57 -4.50 5.92
C PHE A 202 20.21 -4.14 4.49
N ARG A 203 19.20 -3.30 4.35
CA ARG A 203 18.79 -2.74 3.06
C ARG A 203 19.12 -1.26 3.04
N TYR A 204 19.52 -0.76 1.87
CA TYR A 204 19.91 0.64 1.70
C TYR A 204 19.01 1.26 0.64
N GLN A 205 18.04 2.06 1.09
CA GLN A 205 17.12 2.75 0.19
C GLN A 205 17.70 4.12 -0.17
N ALA A 206 17.95 4.34 -1.45
CA ALA A 206 18.59 5.56 -1.90
C ALA A 206 17.62 6.73 -1.93
N ALA A 207 18.11 7.89 -1.50
CA ALA A 207 17.38 9.16 -1.60
C ALA A 207 18.11 10.00 -2.64
N ASN A 208 17.49 10.19 -3.80
CA ASN A 208 18.13 10.83 -4.93
C ASN A 208 17.44 12.14 -5.28
N SER A 209 18.18 13.02 -5.96
CA SER A 209 17.59 14.16 -6.63
C SER A 209 16.89 13.71 -7.90
N SER A 210 16.20 14.65 -8.56
CA SER A 210 15.46 14.32 -9.76
C SER A 210 16.35 13.72 -10.84
N TRP A 211 17.66 13.96 -10.78
CA TRP A 211 18.60 13.44 -11.77
C TRP A 211 19.14 12.07 -11.42
N GLY A 212 18.82 11.54 -10.24
CA GLY A 212 19.39 10.30 -9.78
C GLY A 212 20.65 10.46 -8.93
N LYS A 213 20.97 11.67 -8.50
CA LYS A 213 22.13 11.91 -7.66
C LYS A 213 21.81 11.47 -6.23
N THR A 214 22.55 10.48 -5.74
CA THR A 214 22.28 9.91 -4.42
C THR A 214 22.72 10.87 -3.33
N PHE A 215 21.75 11.44 -2.62
CA PHE A 215 22.07 12.26 -1.45
C PHE A 215 22.56 11.39 -0.30
N HIS A 216 21.81 10.34 0.03
CA HIS A 216 22.25 9.32 0.96
C HIS A 216 21.38 8.08 0.75
N ARG A 217 21.65 7.04 1.53
CA ARG A 217 20.85 5.82 1.52
C ARG A 217 20.46 5.49 2.95
N GLU A 218 19.15 5.47 3.22
CA GLU A 218 18.67 5.16 4.56
C GLU A 218 18.79 3.67 4.83
N VAL A 219 19.31 3.32 6.00
CA VAL A 219 19.54 1.93 6.37
C VAL A 219 18.26 1.34 6.94
N PHE A 220 17.93 0.13 6.50
CA PHE A 220 16.78 -0.61 7.03
C PHE A 220 17.26 -2.00 7.44
N SER A 221 16.91 -2.39 8.66
CA SER A 221 17.43 -3.62 9.25
C SER A 221 16.33 -4.67 9.38
N ALA A 222 16.75 -5.93 9.31
CA ALA A 222 15.85 -7.07 9.48
C ALA A 222 16.68 -8.29 9.85
N PHE A 223 16.00 -9.31 10.35
CA PHE A 223 16.66 -10.55 10.72
C PHE A 223 15.67 -11.70 10.59
N GLU A 224 16.21 -12.91 10.48
CA GLU A 224 15.42 -14.10 10.20
C GLU A 224 15.54 -15.11 11.35
N LYS A 225 14.46 -15.85 11.56
CA LYS A 225 14.43 -16.93 12.56
C LYS A 225 13.32 -17.89 12.19
N ASP A 226 13.66 -19.16 12.00
CA ASP A 226 12.71 -20.19 11.61
C ASP A 226 12.15 -19.97 10.21
N GLY A 227 12.83 -19.15 9.40
CA GLY A 227 12.26 -18.70 8.15
C GLY A 227 11.27 -17.58 8.28
N VAL A 228 11.10 -17.04 9.47
CA VAL A 228 10.24 -15.88 9.71
C VAL A 228 11.11 -14.63 9.73
N ARG A 229 10.65 -13.59 9.06
CA ARG A 229 11.41 -12.35 8.92
C ARG A 229 10.80 -11.27 9.81
N TYR A 230 11.65 -10.63 10.60
CA TYR A 230 11.23 -9.56 11.50
C TYR A 230 11.98 -8.29 11.13
N THR A 231 11.25 -7.19 10.96
CA THR A 231 11.83 -5.91 10.59
C THR A 231 11.99 -5.02 11.82
N ALA A 232 12.78 -3.96 11.65
CA ALA A 232 13.13 -3.10 12.78
C ALA A 232 11.89 -2.46 13.38
N ASN A 233 10.92 -2.07 12.55
CA ASN A 233 9.72 -1.44 13.07
C ASN A 233 8.82 -2.40 13.83
N GLN A 234 9.13 -3.70 13.83
CA GLN A 234 8.39 -4.68 14.62
C GLN A 234 8.90 -4.80 16.05
N PHE A 235 10.11 -4.31 16.34
CA PHE A 235 10.66 -4.37 17.68
C PHE A 235 11.27 -3.07 18.18
N LEU A 236 11.34 -2.01 17.36
CA LEU A 236 12.04 -0.80 17.78
C LEU A 236 11.35 -0.13 18.96
N PHE A 237 10.01 -0.25 19.05
CA PHE A 237 9.30 0.36 20.17
C PHE A 237 9.49 -0.43 21.46
N ALA A 238 9.52 -1.76 21.37
CA ALA A 238 9.72 -2.56 22.57
C ALA A 238 11.10 -2.30 23.18
N LEU A 239 12.12 -2.12 22.34
CA LEU A 239 13.45 -1.80 22.86
C LEU A 239 13.44 -0.44 23.56
N GLU A 240 12.74 0.54 22.99
CA GLU A 240 12.62 1.84 23.65
C GLU A 240 11.84 1.73 24.95
N GLN A 241 10.68 1.06 24.91
CA GLN A 241 9.91 0.90 26.13
C GLN A 241 10.68 0.13 27.20
N LEU A 242 11.58 -0.76 26.79
CA LEU A 242 12.48 -1.46 27.70
C LEU A 242 13.80 -0.71 27.88
N ASN A 243 13.95 0.47 27.27
CA ASN A 243 15.11 1.31 27.51
C ASN A 243 16.32 0.79 26.74
N ALA A 244 16.19 -0.39 26.14
CA ALA A 244 17.32 -1.01 25.48
C ALA A 244 17.46 -0.62 24.01
N SER A 245 16.94 0.55 23.62
CA SER A 245 17.03 0.95 22.22
C SER A 245 18.47 1.26 21.82
N HIS A 246 19.30 1.69 22.77
CA HIS A 246 20.68 2.00 22.44
C HIS A 246 21.48 0.76 22.07
N ILE A 247 21.11 -0.40 22.62
CA ILE A 247 21.82 -1.63 22.31
C ILE A 247 21.71 -1.95 20.83
N PHE A 248 20.54 -1.70 20.23
CA PHE A 248 20.36 -1.98 18.81
C PHE A 248 20.99 -0.90 17.94
N ASP A 249 20.77 0.38 18.27
CA ASP A 249 21.34 1.45 17.47
C ASP A 249 22.86 1.38 17.43
N GLN A 250 23.50 0.93 18.51
CA GLN A 250 24.94 0.77 18.50
C GLN A 250 25.36 -0.36 17.57
N TYR A 251 24.60 -1.45 17.56
CA TYR A 251 24.92 -2.57 16.68
C TYR A 251 24.78 -2.18 15.21
N VAL A 252 23.79 -1.35 14.89
CA VAL A 252 23.61 -0.91 13.52
C VAL A 252 24.75 0.00 13.09
N ILE A 253 25.11 0.96 13.95
CA ILE A 253 26.20 1.88 13.62
C ILE A 253 27.51 1.12 13.43
N GLU A 254 27.78 0.16 14.33
CA GLU A 254 28.98 -0.66 14.18
C GLU A 254 29.01 -1.37 12.84
N ARG A 255 27.91 -2.03 12.48
CA ARG A 255 27.85 -2.76 11.21
C ARG A 255 28.00 -1.82 10.03
N VAL A 256 27.26 -0.71 10.04
CA VAL A 256 27.32 0.23 8.92
C VAL A 256 28.72 0.77 8.74
N ILE A 257 29.48 0.89 9.84
CA ILE A 257 30.86 1.37 9.72
C ILE A 257 31.74 0.31 9.05
N GLN A 258 31.47 -0.97 9.28
CA GLN A 258 32.24 -2.02 8.64
C GLN A 258 32.08 -1.97 7.12
N GLN A 259 30.83 -2.04 6.65
CA GLN A 259 30.60 -2.00 5.21
C GLN A 259 31.14 -0.70 4.60
N LEU A 260 31.14 0.39 5.37
CA LEU A 260 31.80 1.60 4.91
C LEU A 260 33.30 1.43 4.80
N GLU A 261 33.89 0.61 5.68
CA GLU A 261 35.33 0.38 5.66
C GLU A 261 35.73 -0.74 4.70
N LYS A 262 34.77 -1.46 4.12
CA LYS A 262 35.11 -2.34 3.00
C LYS A 262 35.57 -1.53 1.79
N GLY A 263 35.28 -0.23 1.75
CA GLY A 263 35.77 0.66 0.73
C GLY A 263 34.90 0.81 -0.50
N GLU A 264 33.75 0.12 -0.55
CA GLU A 264 32.94 0.09 -1.76
C GLU A 264 31.94 1.24 -1.82
N LEU A 265 31.22 1.50 -0.72
CA LEU A 265 30.13 2.45 -0.75
C LEU A 265 30.67 3.88 -0.82
N THR A 266 30.34 4.58 -1.91
CA THR A 266 30.75 5.96 -2.09
C THR A 266 29.71 6.97 -1.60
N ASP A 267 28.53 6.49 -1.19
CA ASP A 267 27.44 7.38 -0.80
C ASP A 267 27.25 7.39 0.71
N PRO A 268 26.88 8.54 1.27
CA PRO A 268 26.59 8.59 2.71
C PRO A 268 25.42 7.69 3.07
N LEU A 269 25.47 7.13 4.28
CA LEU A 269 24.45 6.22 4.77
C LEU A 269 23.69 6.88 5.92
N ALA A 270 22.37 6.89 5.82
CA ALA A 270 21.52 7.50 6.84
C ALA A 270 21.08 6.42 7.84
N ILE A 271 21.36 6.65 9.11
CA ILE A 271 21.01 5.73 10.18
C ILE A 271 19.97 6.39 11.07
N ASN A 272 18.84 5.71 11.26
CA ASN A 272 17.80 6.21 12.14
C ASN A 272 18.21 5.97 13.60
N ILE A 273 18.25 7.05 14.37
CA ILE A 273 18.63 6.99 15.78
C ILE A 273 17.37 7.11 16.63
N ALA A 274 17.16 6.15 17.52
CA ALA A 274 15.94 6.12 18.32
C ALA A 274 15.90 7.27 19.32
N GLN A 275 14.69 7.73 19.60
CA GLN A 275 14.51 8.79 20.60
C GLN A 275 15.05 8.36 21.95
N GLY A 276 14.84 7.10 22.33
CA GLY A 276 15.35 6.57 23.57
C GLY A 276 16.85 6.32 23.59
N SER A 277 17.51 6.41 22.43
CA SER A 277 18.95 6.25 22.38
C SER A 277 19.69 7.56 22.65
N ILE A 278 19.18 8.68 22.11
CA ILE A 278 19.82 9.97 22.33
C ILE A 278 19.57 10.46 23.75
N SER A 279 18.47 10.05 24.37
CA SER A 279 18.17 10.46 25.74
C SER A 279 19.11 9.82 26.76
N GLN A 280 19.95 8.88 26.34
CA GLN A 280 20.85 8.19 27.26
C GLN A 280 22.24 8.81 27.16
N PRO A 281 22.78 9.37 28.24
CA PRO A 281 24.13 9.93 28.17
C PRO A 281 25.19 8.91 27.79
N SER A 282 25.00 7.65 28.17
CA SER A 282 25.97 6.62 27.79
C SER A 282 26.07 6.48 26.28
N PHE A 283 24.98 6.69 25.56
CA PHE A 283 25.01 6.56 24.11
C PHE A 283 25.78 7.71 23.47
N ILE A 284 25.52 8.94 23.91
CA ILE A 284 26.23 10.09 23.36
C ILE A 284 27.73 9.96 23.61
N ARG A 285 28.11 9.41 24.76
CA ARG A 285 29.52 9.11 25.00
C ARG A 285 30.01 8.02 24.06
N TRP A 286 29.23 6.96 23.91
CA TRP A 286 29.63 5.84 23.04
C TRP A 286 29.78 6.28 21.60
N ILE A 287 28.99 7.26 21.15
CA ILE A 287 29.04 7.68 19.76
C ILE A 287 30.29 8.50 19.50
N SER A 288 30.69 9.34 20.46
CA SER A 288 31.87 10.17 20.27
C SER A 288 33.15 9.34 20.26
N GLN A 289 33.18 8.25 21.03
CA GLN A 289 34.35 7.38 21.01
C GLN A 289 34.41 6.56 19.73
N THR A 290 33.27 6.01 19.30
CA THR A 290 33.24 5.22 18.09
C THR A 290 33.65 6.05 16.87
N LEU A 291 33.05 7.23 16.72
CA LEU A 291 33.36 8.07 15.57
C LEU A 291 34.79 8.60 15.60
N SER A 292 35.40 8.67 16.78
CA SER A 292 36.81 9.08 16.85
C SER A 292 37.73 7.98 16.37
N LYS A 293 37.37 6.72 16.60
CA LYS A 293 38.17 5.58 16.17
C LYS A 293 37.76 5.06 14.80
N HIS A 294 36.93 5.80 14.07
CA HIS A 294 36.55 5.47 12.70
C HIS A 294 36.40 6.75 11.89
N LEU A 295 37.31 7.70 12.13
CA LEU A 295 37.17 9.02 11.52
C LEU A 295 37.28 8.98 10.00
N SER A 296 37.75 7.86 9.45
CA SER A 296 37.93 7.77 8.01
C SER A 296 36.61 7.77 7.27
N VAL A 297 35.60 7.07 7.81
CA VAL A 297 34.32 6.91 7.14
C VAL A 297 33.23 7.78 7.72
N ALA A 298 33.54 8.60 8.72
CA ALA A 298 32.52 9.46 9.31
C ALA A 298 31.94 10.42 8.29
N ASN A 299 32.70 10.76 7.25
CA ASN A 299 32.20 11.67 6.22
C ASN A 299 30.97 11.10 5.53
N LEU A 300 30.84 9.78 5.51
CA LEU A 300 29.73 9.11 4.84
C LEU A 300 28.64 8.66 5.81
N LEU A 301 28.54 9.32 6.96
CA LEU A 301 27.56 8.95 7.99
C LEU A 301 26.54 10.06 8.14
N HIS A 302 25.27 9.71 7.95
CA HIS A 302 24.15 10.61 8.21
C HIS A 302 23.32 10.01 9.34
N PHE A 303 23.14 10.78 10.41
CA PHE A 303 22.38 10.33 11.58
C PHE A 303 21.00 10.98 11.53
N GLU A 304 19.97 10.16 11.34
CA GLU A 304 18.60 10.63 11.16
C GLU A 304 17.94 10.74 12.53
N ILE A 305 17.77 11.97 13.00
CA ILE A 305 17.20 12.24 14.31
C ILE A 305 15.72 12.54 14.14
N PRO A 306 14.81 11.85 14.85
CA PRO A 306 13.41 12.24 14.80
C PRO A 306 13.22 13.66 15.29
N GLU A 307 12.14 14.29 14.82
CA GLU A 307 11.83 15.65 15.26
C GLU A 307 11.54 15.70 16.75
N GLY A 308 11.00 14.61 17.32
CA GLY A 308 10.69 14.61 18.74
C GLY A 308 11.88 14.89 19.62
N CYS A 309 13.08 14.45 19.21
CA CYS A 309 14.28 14.72 19.99
C CYS A 309 14.60 16.20 20.00
N PHE A 310 14.37 16.89 18.89
CA PHE A 310 14.69 18.32 18.81
C PHE A 310 13.72 19.15 19.64
N VAL A 311 12.44 18.78 19.64
CA VAL A 311 11.42 19.57 20.33
C VAL A 311 11.35 19.21 21.82
N ASN A 312 11.50 17.93 22.17
CA ASN A 312 11.30 17.48 23.54
C ASN A 312 12.59 17.17 24.28
N GLU A 313 13.69 16.90 23.58
CA GLU A 313 14.98 16.65 24.21
C GLU A 313 16.08 17.50 23.55
N PRO A 314 15.87 18.82 23.46
CA PRO A 314 16.84 19.65 22.73
C PRO A 314 18.21 19.67 23.36
N HIS A 315 18.34 19.28 24.62
CA HIS A 315 19.65 19.30 25.27
C HIS A 315 20.49 18.10 24.83
N TYR A 316 19.96 16.89 24.98
CA TYR A 316 20.69 15.70 24.54
C TYR A 316 20.89 15.71 23.03
N THR A 317 19.91 16.20 22.28
CA THR A 317 20.06 16.26 20.82
C THR A 317 21.17 17.23 20.44
N ALA A 318 21.27 18.37 21.12
CA ALA A 318 22.38 19.28 20.87
C ALA A 318 23.71 18.62 21.24
N LEU A 319 23.73 17.84 22.31
CA LEU A 319 24.94 17.09 22.67
C LEU A 319 25.26 16.07 21.59
N PHE A 320 24.26 15.30 21.16
CA PHE A 320 24.49 14.30 20.13
C PHE A 320 24.89 14.96 18.81
N CYS A 321 24.20 16.04 18.43
CA CYS A 321 24.52 16.71 17.17
C CYS A 321 25.92 17.32 17.21
N ASN A 322 26.30 17.94 18.32
CA ASN A 322 27.63 18.53 18.43
C ASN A 322 28.71 17.46 18.32
N ALA A 323 28.54 16.35 19.05
CA ALA A 323 29.52 15.28 18.99
C ALA A 323 29.60 14.67 17.61
N VAL A 324 28.46 14.60 16.90
CA VAL A 324 28.45 13.99 15.58
C VAL A 324 29.17 14.88 14.56
N ARG A 325 28.97 16.20 14.66
CA ARG A 325 29.52 17.11 13.67
C ARG A 325 30.99 17.47 13.93
N ASN A 326 31.48 17.27 15.15
CA ASN A 326 32.89 17.49 15.42
C ASN A 326 33.77 16.34 14.97
N ALA A 327 33.17 15.21 14.58
CA ALA A 327 33.91 14.07 14.07
C ALA A 327 33.81 13.94 12.55
N GLY A 328 33.22 14.92 11.89
CA GLY A 328 33.09 14.90 10.44
C GLY A 328 31.75 14.40 9.93
N ALA A 329 30.95 13.76 10.77
CA ALA A 329 29.65 13.28 10.36
C ALA A 329 28.64 14.42 10.34
N ASP A 330 27.39 14.10 10.01
CA ASP A 330 26.32 15.09 9.97
C ASP A 330 25.02 14.41 10.41
N PHE A 331 23.95 15.19 10.45
CA PHE A 331 22.66 14.68 10.90
C PHE A 331 21.55 15.37 10.14
N GLY A 332 20.36 14.74 10.17
CA GLY A 332 19.18 15.31 9.56
C GLY A 332 17.96 15.05 10.42
N VAL A 333 16.87 15.74 10.09
CA VAL A 333 15.62 15.65 10.83
C VAL A 333 14.71 14.65 10.13
N ASP A 334 14.27 13.64 10.87
CA ASP A 334 13.33 12.65 10.36
C ASP A 334 11.94 12.98 10.90
N ASN A 335 10.93 12.85 10.04
CA ASN A 335 9.56 13.19 10.41
C ASN A 335 9.42 14.70 10.67
N TYR A 336 10.11 15.49 9.84
CA TYR A 336 10.11 16.93 10.00
C TYR A 336 8.68 17.49 9.92
N GLY A 337 8.33 18.33 10.90
CA GLY A 337 7.03 18.96 10.96
C GLY A 337 5.92 18.14 11.59
N ARG A 338 6.22 16.91 12.02
CA ARG A 338 5.15 16.00 12.44
C ARG A 338 4.58 16.38 13.81
N ASN A 339 5.38 16.98 14.67
CA ASN A 339 4.96 17.22 16.05
C ASN A 339 4.06 18.43 16.22
N PHE A 340 3.78 19.18 15.14
CA PHE A 340 2.92 20.35 15.19
C PHE A 340 3.38 21.35 16.24
N GLN A 341 4.68 21.40 16.51
CA GLN A 341 5.27 22.35 17.43
C GLN A 341 6.13 23.35 16.65
N SER A 342 6.86 24.19 17.36
CA SER A 342 7.62 25.25 16.72
C SER A 342 8.75 24.68 15.88
N LEU A 343 8.90 25.25 14.67
CA LEU A 343 9.98 24.88 13.76
C LEU A 343 11.26 25.66 14.03
N ASP A 344 11.37 26.29 15.20
CA ASP A 344 12.55 27.10 15.51
C ASP A 344 13.82 26.28 15.47
N TYR A 345 13.76 25.02 15.93
CA TYR A 345 14.96 24.23 16.09
C TYR A 345 15.74 24.06 14.79
N ILE A 346 15.10 24.29 13.63
CA ILE A 346 15.83 24.23 12.37
C ILE A 346 16.91 25.30 12.34
N ASN A 347 16.63 26.47 12.93
CA ASN A 347 17.63 27.53 12.98
C ASN A 347 18.75 27.20 13.95
N GLU A 348 18.40 26.68 15.13
CA GLU A 348 19.39 26.50 16.19
C GLU A 348 20.31 25.31 15.91
N PHE A 349 19.80 24.29 15.22
CA PHE A 349 20.60 23.12 14.89
C PHE A 349 21.18 23.14 13.48
N ARG A 350 20.49 23.78 12.54
CA ARG A 350 20.93 23.83 11.15
C ARG A 350 21.22 22.43 10.62
N PRO A 351 20.22 21.55 10.60
CA PRO A 351 20.45 20.18 10.13
C PRO A 351 20.83 20.15 8.66
N LYS A 352 21.60 19.11 8.30
CA LYS A 352 21.99 18.95 6.90
C LYS A 352 20.77 18.72 6.00
N TYR A 353 19.74 18.05 6.51
CA TYR A 353 18.56 17.78 5.71
C TYR A 353 17.36 17.63 6.63
N VAL A 354 16.17 17.75 6.06
CA VAL A 354 14.92 17.49 6.76
C VAL A 354 14.14 16.46 5.94
N LYS A 355 13.79 15.35 6.58
CA LYS A 355 12.95 14.32 5.95
C LYS A 355 11.51 14.62 6.34
N LEU A 356 10.75 15.22 5.42
CA LEU A 356 9.37 15.58 5.73
C LEU A 356 8.56 14.36 6.10
N ASP A 357 7.75 14.49 7.15
CA ASP A 357 6.90 13.40 7.60
C ASP A 357 5.91 13.01 6.52
N TYR A 358 5.44 11.76 6.61
CA TYR A 358 4.48 11.24 5.64
C TYR A 358 3.26 12.15 5.50
N LEU A 359 2.89 12.84 6.58
CA LEU A 359 1.64 13.60 6.57
C LEU A 359 1.65 14.70 5.51
N PHE A 360 2.77 15.42 5.39
CA PHE A 360 2.85 16.58 4.52
C PHE A 360 3.27 16.24 3.10
N THR A 361 3.39 14.96 2.77
CA THR A 361 3.84 14.53 1.45
C THR A 361 2.82 13.69 0.70
N HIS A 362 1.87 13.07 1.38
CA HIS A 362 0.90 12.20 0.74
C HIS A 362 -0.52 12.71 0.97
N HIS A 363 -1.43 12.29 0.09
CA HIS A 363 -2.85 12.60 0.21
C HIS A 363 -3.09 14.11 0.24
N LEU A 364 -2.39 14.83 -0.63
CA LEU A 364 -2.54 16.28 -0.73
C LEU A 364 -3.72 16.60 -1.64
N ASP A 365 -4.92 16.26 -1.15
CA ASP A 365 -6.15 16.40 -1.92
C ASP A 365 -6.80 17.76 -1.76
N ASP A 366 -6.43 18.54 -0.76
CA ASP A 366 -7.04 19.82 -0.48
C ASP A 366 -6.11 20.97 -0.82
N GLU A 367 -6.69 22.15 -0.98
CA GLU A 367 -5.93 23.32 -1.41
C GLU A 367 -4.84 23.67 -0.40
N ARG A 368 -5.19 23.68 0.89
CA ARG A 368 -4.27 24.17 1.91
C ARG A 368 -3.14 23.18 2.20
N GLN A 369 -3.30 21.90 1.86
CA GLN A 369 -2.24 20.94 2.10
C GLN A 369 -1.00 21.25 1.26
N LYS A 370 -1.21 21.68 0.01
CA LYS A 370 -0.09 21.98 -0.86
C LYS A 370 0.66 23.22 -0.38
N PHE A 371 -0.07 24.24 0.06
CA PHE A 371 0.58 25.42 0.63
C PHE A 371 1.44 25.05 1.83
N THR A 372 0.91 24.19 2.71
CA THR A 372 1.68 23.76 3.87
C THR A 372 2.97 23.08 3.47
N LEU A 373 2.92 22.25 2.42
CA LEU A 373 4.13 21.57 1.94
C LEU A 373 5.16 22.59 1.46
N THR A 374 4.74 23.51 0.58
CA THR A 374 5.66 24.53 0.08
C THR A 374 6.23 25.36 1.22
N SER A 375 5.36 25.82 2.12
CA SER A 375 5.81 26.67 3.21
C SER A 375 6.73 25.91 4.16
N ILE A 376 6.33 24.70 4.56
CA ILE A 376 7.15 23.91 5.48
C ILE A 376 8.48 23.55 4.84
N SER A 377 8.50 23.39 3.51
CA SER A 377 9.74 23.03 2.82
C SER A 377 10.61 24.25 2.57
N ARG A 378 10.00 25.40 2.26
CA ARG A 378 10.78 26.62 2.09
C ARG A 378 11.54 26.98 3.36
N THR A 379 10.92 26.73 4.52
CA THR A 379 11.55 27.08 5.79
C THR A 379 12.94 26.45 5.91
N ALA A 380 13.07 25.18 5.52
CA ALA A 380 14.38 24.54 5.53
C ALA A 380 15.18 24.85 4.28
N HIS A 381 14.50 25.00 3.13
CA HIS A 381 15.21 25.25 1.88
C HIS A 381 15.91 26.61 1.91
N ASN A 382 15.21 27.65 2.35
CA ASN A 382 15.81 28.99 2.38
C ASN A 382 16.99 29.09 3.33
N LEU A 383 17.25 28.06 4.13
CA LEU A 383 18.44 28.00 4.97
C LEU A 383 19.53 27.13 4.38
N GLY A 384 19.37 26.69 3.13
CA GLY A 384 20.34 25.76 2.56
C GLY A 384 20.21 24.34 3.05
N ILE A 385 19.13 24.02 3.75
CA ILE A 385 18.90 22.67 4.26
C ILE A 385 18.23 21.84 3.18
N THR A 386 18.79 20.67 2.90
CA THR A 386 18.22 19.80 1.87
C THR A 386 16.88 19.24 2.33
N THR A 387 15.87 19.37 1.49
CA THR A 387 14.52 18.87 1.78
C THR A 387 14.33 17.53 1.08
N ILE A 388 13.88 16.53 1.85
CA ILE A 388 13.71 15.17 1.36
C ILE A 388 12.28 14.73 1.62
N ALA A 389 11.67 14.11 0.61
CA ALA A 389 10.39 13.43 0.77
C ALA A 389 10.62 11.94 0.55
N SER A 390 10.13 11.13 1.49
CA SER A 390 10.32 9.69 1.44
C SER A 390 9.00 9.00 1.12
N ARG A 391 9.08 7.68 0.92
CA ARG A 391 7.92 6.88 0.53
C ARG A 391 7.25 7.48 -0.71
N VAL A 392 8.06 8.01 -1.62
CA VAL A 392 7.56 8.51 -2.90
C VAL A 392 7.45 7.33 -3.85
N GLU A 393 6.22 6.99 -4.24
CA GLU A 393 5.94 5.75 -4.94
C GLU A 393 5.68 5.92 -6.43
N THR A 394 5.51 7.15 -6.92
CA THR A 394 5.16 7.38 -8.32
C THR A 394 6.01 8.49 -8.90
N GLN A 395 6.13 8.49 -10.23
CA GLN A 395 6.84 9.57 -10.91
C GLN A 395 6.01 10.85 -10.92
N THR A 396 4.69 10.72 -11.12
CA THR A 396 3.82 11.89 -11.03
C THR A 396 3.84 12.46 -9.62
N GLN A 397 4.04 11.60 -8.61
CA GLN A 397 4.23 12.09 -7.25
C GLN A 397 5.55 12.85 -7.11
N LEU A 398 6.61 12.32 -7.71
CA LEU A 398 7.92 12.97 -7.61
C LEU A 398 7.90 14.34 -8.28
N ASP A 399 7.34 14.42 -9.49
CA ASP A 399 7.27 15.70 -10.18
C ASP A 399 6.41 16.70 -9.41
N PHE A 400 5.36 16.23 -8.75
CA PHE A 400 4.51 17.13 -7.97
C PHE A 400 5.27 17.68 -6.76
N LEU A 401 5.95 16.81 -6.02
CA LEU A 401 6.68 17.25 -4.84
C LEU A 401 7.83 18.17 -5.19
N SER A 402 8.45 17.98 -6.37
CA SER A 402 9.54 18.86 -6.78
C SER A 402 9.06 20.27 -7.07
N GLU A 403 7.78 20.46 -7.41
CA GLU A 403 7.22 21.80 -7.55
C GLU A 403 6.91 22.44 -6.22
N HIS A 404 7.01 21.70 -5.12
CA HIS A 404 6.75 22.21 -3.78
C HIS A 404 7.99 22.13 -2.91
N PHE A 405 9.15 22.42 -3.51
CA PHE A 405 10.40 22.63 -2.78
C PHE A 405 10.94 21.35 -2.14
N ILE A 406 10.65 20.19 -2.74
CA ILE A 406 11.30 18.94 -2.39
C ILE A 406 12.40 18.68 -3.41
N GLU A 407 13.62 18.43 -2.92
CA GLU A 407 14.78 18.29 -3.77
C GLU A 407 15.32 16.87 -3.86
N VAL A 408 15.16 16.08 -2.81
CA VAL A 408 15.61 14.69 -2.80
C VAL A 408 14.40 13.80 -2.55
N PHE A 409 14.37 12.66 -3.24
CA PHE A 409 13.23 11.76 -3.22
C PHE A 409 13.68 10.35 -2.89
N GLN A 410 12.81 9.62 -2.18
CA GLN A 410 13.13 8.28 -1.71
C GLN A 410 11.86 7.45 -1.73
N GLY A 411 11.98 6.20 -2.17
CA GLY A 411 10.84 5.29 -2.17
C GLY A 411 10.76 4.39 -3.38
N PHE A 412 9.53 3.96 -3.71
CA PHE A 412 9.34 2.99 -4.77
C PHE A 412 9.77 3.54 -6.13
N ILE A 413 9.54 4.82 -6.39
CA ILE A 413 9.93 5.39 -7.67
C ILE A 413 11.44 5.33 -7.85
N VAL A 414 12.21 5.39 -6.77
CA VAL A 414 13.66 5.33 -6.90
C VAL A 414 14.13 3.88 -6.95
N ASP A 415 13.39 2.96 -6.34
CA ASP A 415 13.82 1.57 -6.24
C ASP A 415 13.46 0.73 -7.46
N LYS A 416 12.77 1.30 -8.45
CA LYS A 416 12.33 0.56 -9.61
C LYS A 416 13.19 0.78 -10.85
N ALA A 417 14.14 1.72 -10.81
CA ALA A 417 14.71 2.26 -12.04
C ALA A 417 15.54 1.23 -12.80
N ALA A 418 16.67 0.81 -12.23
CA ALA A 418 17.63 0.01 -12.99
C ALA A 418 18.54 -0.79 -12.06
N LYS B 1 -12.08 1.31 -39.91
CA LYS B 1 -10.74 1.55 -40.45
C LYS B 1 -9.99 2.59 -39.62
N ALA B 2 -10.54 3.79 -39.53
CA ALA B 2 -9.93 4.82 -38.70
C ALA B 2 -9.78 4.34 -37.26
N PHE B 3 -10.72 3.53 -36.78
CA PHE B 3 -10.60 2.92 -35.46
C PHE B 3 -9.71 1.69 -35.48
N LYS B 4 -9.66 0.98 -36.61
CA LYS B 4 -8.80 -0.20 -36.71
C LYS B 4 -7.34 0.17 -36.57
N ALA B 5 -6.91 1.22 -37.28
CA ALA B 5 -5.54 1.70 -37.12
C ALA B 5 -5.31 2.31 -35.74
N GLN B 6 -6.36 2.78 -35.08
CA GLN B 6 -6.22 3.33 -33.74
C GLN B 6 -5.91 2.22 -32.73
N ALA B 7 -6.63 1.11 -32.82
CA ALA B 7 -6.35 -0.02 -31.93
C ALA B 7 -4.99 -0.65 -32.23
N LYS B 8 -4.60 -0.69 -33.51
CA LYS B 8 -3.30 -1.23 -33.86
C LYS B 8 -2.17 -0.44 -33.19
N GLU B 9 -2.29 0.89 -33.18
CA GLU B 9 -1.28 1.72 -32.54
C GLU B 9 -1.25 1.48 -31.03
N ALA B 10 -2.43 1.33 -30.42
CA ALA B 10 -2.49 1.05 -29.00
C ALA B 10 -1.78 -0.26 -28.66
N GLN B 11 -1.97 -1.29 -29.51
CA GLN B 11 -1.27 -2.55 -29.29
C GLN B 11 0.23 -2.38 -29.45
N GLN B 12 0.66 -1.64 -30.47
CA GLN B 12 2.08 -1.41 -30.67
C GLN B 12 2.69 -0.63 -29.51
N LEU B 13 1.99 0.42 -29.05
CA LEU B 13 2.51 1.19 -27.93
C LEU B 13 2.57 0.36 -26.65
N ARG B 14 1.52 -0.39 -26.36
CA ARG B 14 1.54 -1.27 -25.20
C ARG B 14 2.68 -2.26 -25.27
N GLU B 15 2.96 -2.78 -26.47
CA GLU B 15 4.06 -3.73 -26.63
C GLU B 15 5.40 -3.08 -26.31
N ARG B 16 5.64 -1.89 -26.87
CA ARG B 16 6.88 -1.18 -26.61
C ARG B 16 7.02 -0.76 -25.15
N ALA B 17 5.91 -0.61 -24.42
CA ALA B 17 5.97 -0.07 -23.08
C ALA B 17 6.10 -1.13 -22.00
N TYR B 18 5.60 -2.35 -22.23
CA TYR B 18 5.50 -3.33 -21.17
C TYR B 18 6.17 -4.66 -21.48
N LEU B 19 6.67 -4.88 -22.69
CA LEU B 19 7.28 -6.16 -23.06
C LEU B 19 8.76 -5.98 -23.33
N ASP B 20 9.56 -6.92 -22.82
CA ASP B 20 10.98 -6.92 -23.11
C ASP B 20 11.21 -7.24 -24.58
N PRO B 21 12.02 -6.46 -25.29
CA PRO B 21 12.12 -6.66 -26.75
C PRO B 21 12.56 -8.05 -27.16
N VAL B 22 13.61 -8.60 -26.54
CA VAL B 22 14.18 -9.85 -27.03
C VAL B 22 13.39 -11.05 -26.55
N SER B 23 12.94 -11.04 -25.30
CA SER B 23 12.24 -12.18 -24.72
C SER B 23 10.73 -12.10 -24.92
N HIS B 24 10.18 -10.90 -25.11
CA HIS B 24 8.74 -10.69 -25.21
C HIS B 24 8.01 -11.12 -23.94
N LEU B 25 8.73 -11.26 -22.84
CA LEU B 25 8.11 -11.31 -21.52
C LEU B 25 7.75 -9.91 -21.08
N GLY B 26 7.18 -9.78 -19.90
CA GLY B 26 7.01 -8.46 -19.31
C GLY B 26 8.35 -7.82 -19.02
N ASN B 27 8.40 -6.50 -19.13
CA ASN B 27 9.63 -5.77 -18.83
C ASN B 27 9.66 -5.43 -17.35
N ARG B 28 10.65 -4.63 -16.93
CA ARG B 28 10.77 -4.28 -15.52
C ARG B 28 9.59 -3.42 -15.07
N ALA B 29 9.17 -2.47 -15.90
CA ALA B 29 8.01 -1.66 -15.55
C ALA B 29 6.76 -2.52 -15.40
N TYR B 30 6.59 -3.50 -16.29
CA TYR B 30 5.45 -4.41 -16.18
C TYR B 30 5.50 -5.21 -14.88
N TYR B 31 6.68 -5.74 -14.55
CA TYR B 31 6.82 -6.53 -13.34
C TYR B 31 6.52 -5.69 -12.10
N MET B 32 6.97 -4.43 -12.09
CA MET B 32 6.76 -3.59 -10.91
C MET B 32 5.30 -3.17 -10.78
N SER B 33 4.63 -2.91 -11.91
CA SER B 33 3.21 -2.56 -11.86
C SER B 33 2.37 -3.75 -11.42
N GLN B 34 2.64 -4.93 -12.00
CA GLN B 34 1.91 -6.12 -11.61
C GLN B 34 2.09 -6.44 -10.13
N LEU B 35 3.30 -6.23 -9.60
CA LEU B 35 3.55 -6.50 -8.20
C LEU B 35 2.72 -5.58 -7.31
N SER B 36 2.65 -4.29 -7.66
CA SER B 36 1.88 -3.35 -6.86
C SER B 36 0.40 -3.63 -6.94
N GLY B 37 -0.11 -3.95 -8.13
CA GLY B 37 -1.53 -4.23 -8.28
C GLY B 37 -1.97 -5.47 -7.51
N TRP B 38 -1.15 -6.53 -7.55
CA TRP B 38 -1.50 -7.75 -6.84
C TRP B 38 -1.38 -7.58 -5.33
N LEU B 39 -0.40 -6.80 -4.88
CA LEU B 39 -0.20 -6.63 -3.44
C LEU B 39 -1.30 -5.77 -2.83
N SER B 40 -1.62 -4.63 -3.45
CA SER B 40 -2.64 -3.75 -2.90
C SER B 40 -4.03 -4.36 -2.99
N GLU B 41 -4.26 -5.23 -3.97
CA GLU B 41 -5.57 -5.84 -4.16
C GLU B 41 -5.73 -7.12 -3.33
N SER B 42 -4.68 -7.92 -3.20
CA SER B 42 -4.77 -9.18 -2.49
C SER B 42 -3.48 -9.48 -1.72
N GLY B 43 -2.37 -9.59 -2.43
CA GLY B 43 -1.12 -9.98 -1.81
C GLY B 43 -1.01 -11.44 -1.45
N ILE B 44 -2.03 -12.24 -1.73
CA ILE B 44 -2.01 -13.67 -1.44
C ILE B 44 -1.51 -14.41 -2.67
N GLY B 45 -0.48 -15.23 -2.49
CA GLY B 45 0.13 -15.97 -3.56
C GLY B 45 1.62 -16.08 -3.35
N GLY B 46 2.35 -16.26 -4.44
CA GLY B 46 3.79 -16.40 -4.36
C GLY B 46 4.48 -15.59 -5.45
N VAL B 47 5.73 -15.25 -5.17
CA VAL B 47 6.58 -14.51 -6.11
C VAL B 47 7.98 -15.09 -6.03
N ALA B 48 8.63 -15.20 -7.19
CA ALA B 48 9.97 -15.74 -7.28
C ALA B 48 10.81 -14.89 -8.22
N ILE B 49 12.11 -14.85 -7.96
CA ILE B 49 13.07 -14.14 -8.80
C ILE B 49 14.15 -15.13 -9.19
N LEU B 50 14.36 -15.28 -10.49
CA LEU B 50 15.39 -16.16 -11.04
C LEU B 50 16.57 -15.33 -11.49
N GLN B 51 17.75 -15.60 -10.93
CA GLN B 51 18.99 -14.93 -11.34
C GLN B 51 19.77 -15.91 -12.20
N ALA B 52 19.56 -15.84 -13.51
CA ALA B 52 20.24 -16.71 -14.46
C ALA B 52 21.69 -16.28 -14.58
N GLU B 53 22.50 -16.70 -13.60
CA GLU B 53 23.90 -16.33 -13.59
C GLU B 53 24.66 -16.94 -14.75
N PHE B 54 24.22 -18.10 -15.25
CA PHE B 54 24.84 -18.67 -16.44
C PHE B 54 24.65 -17.76 -17.64
N ILE B 55 23.54 -17.03 -17.70
CA ILE B 55 23.35 -16.03 -18.75
C ILE B 55 24.26 -14.84 -18.51
N LYS B 56 24.49 -14.48 -17.25
CA LYS B 56 25.42 -13.41 -16.94
C LYS B 56 26.83 -13.74 -17.42
N GLU B 57 27.22 -15.02 -17.33
CA GLU B 57 28.53 -15.42 -17.81
C GLU B 57 28.61 -15.37 -19.33
N LEU B 58 27.52 -15.72 -20.01
CA LEU B 58 27.50 -15.63 -21.47
C LEU B 58 27.76 -14.19 -21.92
N TYR B 59 27.04 -13.23 -21.34
CA TYR B 59 27.25 -11.83 -21.70
C TYR B 59 28.70 -11.42 -21.46
N GLU B 60 29.23 -11.71 -20.27
CA GLU B 60 30.57 -11.27 -19.92
C GLU B 60 31.65 -11.98 -20.72
N GLU B 61 31.38 -13.21 -21.18
CA GLU B 61 32.40 -14.01 -21.85
C GLU B 61 32.26 -14.02 -23.36
N LYS B 62 31.05 -14.17 -23.90
CA LYS B 62 30.87 -14.32 -25.34
C LYS B 62 30.13 -13.17 -26.00
N GLY B 63 29.76 -12.14 -25.26
CA GLY B 63 29.17 -10.95 -25.84
C GLY B 63 27.66 -10.94 -25.79
N TYR B 64 27.09 -9.92 -26.44
CA TYR B 64 25.66 -9.69 -26.36
C TYR B 64 24.86 -10.73 -27.15
N GLU B 65 25.36 -11.11 -28.32
CA GLU B 65 24.62 -12.05 -29.16
C GLU B 65 24.34 -13.35 -28.43
N ALA B 66 25.34 -13.88 -27.73
CA ALA B 66 25.14 -15.12 -26.97
C ALA B 66 24.21 -14.89 -25.78
N GLY B 67 24.36 -13.76 -25.09
CA GLY B 67 23.54 -13.51 -23.92
C GLY B 67 22.08 -13.29 -24.29
N ASP B 68 21.84 -12.46 -25.31
CA ASP B 68 20.47 -12.21 -25.75
C ASP B 68 19.81 -13.48 -26.25
N GLY B 69 20.57 -14.33 -26.94
CA GLY B 69 20.01 -15.58 -27.44
C GLY B 69 19.60 -16.52 -26.31
N MET B 70 20.37 -16.56 -25.23
CA MET B 70 20.04 -17.42 -24.11
C MET B 70 18.83 -16.90 -23.35
N VAL B 71 18.70 -15.58 -23.24
CA VAL B 71 17.55 -15.00 -22.56
C VAL B 71 16.26 -15.36 -23.29
N ARG B 72 16.27 -15.32 -24.62
CA ARG B 72 15.08 -15.68 -25.37
C ARG B 72 14.78 -17.17 -25.23
N GLU B 73 15.82 -18.01 -25.16
CA GLU B 73 15.61 -19.45 -25.00
C GLU B 73 15.04 -19.77 -23.62
N LEU B 74 15.60 -19.16 -22.57
CA LEU B 74 15.08 -19.38 -21.23
C LEU B 74 13.66 -18.83 -21.10
N ALA B 75 13.38 -17.71 -21.77
CA ALA B 75 12.04 -17.11 -21.67
C ALA B 75 10.98 -18.02 -22.28
N ASP B 76 11.26 -18.59 -23.45
CA ASP B 76 10.30 -19.49 -24.08
C ASP B 76 10.07 -20.74 -23.22
N ARG B 77 11.13 -21.26 -22.60
CA ARG B 77 10.96 -22.39 -21.69
C ARG B 77 10.12 -21.99 -20.49
N LEU B 78 10.32 -20.78 -19.96
CA LEU B 78 9.51 -20.31 -18.84
C LEU B 78 8.08 -20.04 -19.26
N LYS B 79 7.87 -19.58 -20.49
CA LYS B 79 6.52 -19.25 -20.94
C LYS B 79 5.66 -20.49 -21.12
N ASN B 80 6.27 -21.64 -21.40
CA ASN B 80 5.52 -22.84 -21.74
C ASN B 80 5.34 -23.81 -20.57
N SER B 81 6.21 -23.78 -19.57
CA SER B 81 6.27 -24.82 -18.55
C SER B 81 5.69 -24.36 -17.21
N ILE B 82 4.66 -23.52 -17.24
CA ILE B 82 3.94 -23.08 -16.05
C ILE B 82 2.49 -22.84 -16.45
N THR B 83 1.64 -22.57 -15.46
CA THR B 83 0.22 -22.35 -15.75
C THR B 83 -0.44 -21.57 -14.63
N ILE B 84 -1.12 -20.49 -14.99
CA ILE B 84 -1.93 -19.70 -14.06
C ILE B 84 -2.66 -18.65 -14.88
N LYS B 85 -3.75 -18.11 -14.31
CA LYS B 85 -4.56 -17.15 -15.06
C LYS B 85 -3.96 -15.75 -15.02
N ASP B 86 -3.78 -15.19 -13.83
CA ASP B 86 -3.16 -13.89 -13.68
C ASP B 86 -1.67 -13.98 -13.38
N ILE B 87 -1.03 -15.09 -13.76
CA ILE B 87 0.40 -15.24 -13.57
C ILE B 87 1.15 -14.26 -14.46
N SER B 88 2.30 -13.80 -13.98
CA SER B 88 3.11 -12.82 -14.71
C SER B 88 4.54 -13.29 -14.76
N ILE B 89 5.09 -13.40 -15.97
CA ILE B 89 6.51 -13.67 -16.19
C ILE B 89 7.14 -12.41 -16.77
N ALA B 90 8.24 -11.98 -16.18
CA ALA B 90 8.88 -10.73 -16.58
C ALA B 90 10.39 -10.87 -16.50
N ARG B 91 11.07 -10.24 -17.46
CA ARG B 91 12.53 -10.07 -17.40
C ARG B 91 12.80 -8.73 -16.73
N ILE B 92 13.21 -8.76 -15.46
CA ILE B 92 13.38 -7.55 -14.68
C ILE B 92 14.81 -7.00 -14.74
N SER B 93 15.75 -7.74 -15.30
CA SER B 93 17.13 -7.28 -15.44
C SER B 93 17.78 -8.03 -16.59
N THR B 94 19.09 -7.85 -16.75
CA THR B 94 19.80 -8.50 -17.85
C THR B 94 19.66 -10.01 -17.78
N TYR B 95 19.91 -10.59 -16.61
CA TYR B 95 19.82 -12.04 -16.41
C TYR B 95 18.87 -12.41 -15.28
N GLU B 96 18.00 -11.49 -14.88
CA GLU B 96 17.05 -11.72 -13.80
C GLU B 96 15.64 -11.80 -14.36
N PHE B 97 14.84 -12.71 -13.80
CA PHE B 97 13.46 -12.91 -14.20
C PHE B 97 12.57 -13.00 -12.96
N GLY B 98 11.43 -12.32 -13.02
CA GLY B 98 10.47 -12.31 -11.92
C GLY B 98 9.21 -13.04 -12.33
N ILE B 99 8.67 -13.84 -11.40
CA ILE B 99 7.45 -14.58 -11.62
C ILE B 99 6.48 -14.24 -10.49
N ILE B 100 5.27 -13.81 -10.86
CA ILE B 100 4.20 -13.53 -9.91
C ILE B 100 3.16 -14.63 -10.04
N MET B 101 2.73 -15.18 -8.91
CA MET B 101 1.82 -16.33 -8.88
C MET B 101 0.71 -16.07 -7.87
N PRO B 102 -0.36 -15.39 -8.30
CA PRO B 102 -1.46 -15.09 -7.37
C PRO B 102 -2.22 -16.35 -6.96
N ASN B 103 -2.66 -16.35 -5.71
CA ASN B 103 -3.57 -17.38 -5.20
C ASN B 103 -2.95 -18.78 -5.27
N MET B 104 -1.65 -18.86 -4.96
CA MET B 104 -0.94 -20.13 -4.93
C MET B 104 -0.52 -20.45 -3.51
N ASP B 105 -0.73 -21.70 -3.09
CA ASP B 105 -0.30 -22.15 -1.78
C ASP B 105 1.21 -22.43 -1.80
N GLU B 106 1.76 -22.76 -0.63
CA GLU B 106 3.20 -22.98 -0.54
C GLU B 106 3.64 -24.24 -1.28
N THR B 107 2.76 -25.23 -1.42
CA THR B 107 3.15 -26.46 -2.11
C THR B 107 3.24 -26.23 -3.62
N GLU B 108 2.22 -25.58 -4.20
CA GLU B 108 2.32 -25.20 -5.61
C GLU B 108 3.54 -24.33 -5.85
N LEU B 109 3.88 -23.47 -4.89
CA LEU B 109 5.03 -22.59 -5.05
C LEU B 109 6.32 -23.38 -5.22
N LYS B 110 6.48 -24.45 -4.44
CA LYS B 110 7.70 -25.23 -4.48
C LYS B 110 7.75 -26.20 -5.67
N ILE B 111 6.61 -26.51 -6.27
CA ILE B 111 6.64 -27.30 -7.51
C ILE B 111 7.03 -26.43 -8.69
N VAL B 112 6.65 -25.15 -8.66
CA VAL B 112 7.06 -24.23 -9.73
C VAL B 112 8.54 -23.87 -9.55
N ALA B 113 8.99 -23.67 -8.32
CA ALA B 113 10.41 -23.43 -8.08
C ALA B 113 11.24 -24.58 -8.62
N GLU B 114 10.80 -25.82 -8.40
CA GLU B 114 11.50 -26.97 -8.98
C GLU B 114 11.36 -26.98 -10.49
N SER B 115 10.20 -26.59 -11.01
CA SER B 115 10.03 -26.50 -12.46
C SER B 115 10.95 -25.44 -13.05
N ILE B 116 11.13 -24.32 -12.35
CA ILE B 116 12.01 -23.27 -12.85
C ILE B 116 13.46 -23.73 -12.89
N ILE B 117 13.87 -24.51 -11.87
CA ILE B 117 15.25 -24.98 -11.85
C ILE B 117 15.49 -26.02 -12.94
N THR B 118 14.48 -26.82 -13.26
CA THR B 118 14.66 -27.85 -14.28
C THR B 118 14.74 -27.23 -15.68
N CYS B 119 13.99 -26.16 -15.92
CA CYS B 119 14.10 -25.47 -17.20
C CYS B 119 15.54 -25.05 -17.49
N VAL B 120 16.24 -24.58 -16.46
CA VAL B 120 17.63 -24.16 -16.65
C VAL B 120 18.52 -25.38 -16.87
N ASP B 121 18.24 -26.48 -16.18
CA ASP B 121 19.09 -27.67 -16.30
C ASP B 121 18.95 -28.34 -17.65
N ASP B 122 17.81 -28.19 -18.31
CA ASP B 122 17.66 -28.75 -19.65
C ASP B 122 18.42 -27.97 -20.70
N ILE B 123 19.22 -27.00 -20.27
CA ILE B 123 20.06 -26.20 -21.16
C ILE B 123 21.43 -26.07 -20.51
N ASN B 124 22.45 -25.97 -21.35
CA ASN B 124 23.82 -25.82 -20.87
C ASN B 124 24.02 -24.44 -20.25
N ALA B 133 24.18 -24.58 -14.71
CA ALA B 133 23.23 -24.38 -13.63
C ALA B 133 23.73 -23.33 -12.64
N ASN B 134 24.63 -22.47 -13.11
CA ASN B 134 25.02 -21.30 -12.34
C ASN B 134 23.77 -20.45 -12.14
N LEU B 135 23.23 -20.43 -10.93
CA LEU B 135 21.86 -19.97 -10.75
C LEU B 135 21.62 -19.57 -9.31
N SER B 136 20.56 -18.79 -9.10
CA SER B 136 20.10 -18.43 -7.77
C SER B 136 18.61 -18.08 -7.87
N LEU B 137 17.77 -18.89 -7.24
CA LEU B 137 16.32 -18.74 -7.29
C LEU B 137 15.80 -18.40 -5.90
N GLY B 138 15.10 -17.28 -5.78
CA GLY B 138 14.49 -16.85 -4.53
C GLY B 138 12.97 -16.90 -4.63
N VAL B 139 12.36 -17.62 -3.69
CA VAL B 139 10.92 -17.85 -3.68
C VAL B 139 10.34 -17.24 -2.40
N VAL B 140 9.20 -16.58 -2.54
CA VAL B 140 8.53 -15.91 -1.44
C VAL B 140 7.06 -16.28 -1.44
N SER B 141 6.54 -16.69 -0.29
CA SER B 141 5.13 -16.99 -0.12
C SER B 141 4.49 -15.83 0.65
N ASN B 142 3.71 -15.02 -0.05
CA ASN B 142 3.07 -13.85 0.53
C ASN B 142 1.60 -14.16 0.78
N LYS B 143 1.12 -13.83 1.98
CA LYS B 143 -0.24 -14.20 2.39
C LYS B 143 -1.10 -13.01 2.81
N ARG B 144 -0.62 -11.78 2.68
CA ARG B 144 -1.46 -10.63 2.96
C ARG B 144 -0.79 -9.38 2.37
N GLN B 145 -1.57 -8.31 2.30
CA GLN B 145 -1.14 -7.11 1.61
C GLN B 145 0.04 -6.44 2.31
N SER B 146 0.89 -5.80 1.52
CA SER B 146 2.04 -5.06 2.03
C SER B 146 2.58 -4.21 0.90
N SER B 147 3.57 -3.38 1.23
CA SER B 147 4.20 -2.54 0.23
C SER B 147 5.08 -3.38 -0.71
N THR B 148 5.29 -2.87 -1.92
CA THR B 148 6.14 -3.55 -2.88
C THR B 148 7.58 -3.65 -2.37
N THR B 149 8.09 -2.56 -1.79
CA THR B 149 9.45 -2.59 -1.25
C THR B 149 9.57 -3.61 -0.13
N THR B 150 8.50 -3.82 0.64
CA THR B 150 8.52 -4.88 1.64
C THR B 150 8.66 -6.25 1.00
N LEU B 151 7.89 -6.50 -0.07
CA LEU B 151 7.98 -7.78 -0.77
C LEU B 151 9.31 -7.90 -1.52
N LEU B 152 9.76 -6.80 -2.16
CA LEU B 152 11.03 -6.85 -2.87
C LEU B 152 12.18 -7.13 -1.93
N SER B 153 12.14 -6.58 -0.71
CA SER B 153 13.13 -6.93 0.28
C SER B 153 12.97 -8.37 0.76
N LEU B 154 11.74 -8.92 0.66
CA LEU B 154 11.53 -10.31 0.98
C LEU B 154 12.19 -11.23 -0.05
N LEU B 155 11.96 -10.96 -1.33
CA LEU B 155 12.66 -11.70 -2.37
C LEU B 155 14.18 -11.55 -2.22
N ASP B 156 14.62 -10.36 -1.82
CA ASP B 156 16.05 -10.13 -1.60
C ASP B 156 16.60 -11.12 -0.57
N ASN B 157 15.89 -11.28 0.55
CA ASN B 157 16.32 -12.26 1.55
C ASN B 157 16.30 -13.68 0.98
N ALA B 158 15.22 -14.03 0.27
CA ALA B 158 15.15 -15.35 -0.33
C ALA B 158 16.31 -15.59 -1.29
N LEU B 159 16.79 -14.54 -1.97
CA LEU B 159 17.92 -14.69 -2.87
C LEU B 159 19.21 -14.93 -2.09
N ALA B 160 19.48 -14.09 -1.08
CA ALA B 160 20.67 -14.29 -0.26
C ALA B 160 20.64 -15.64 0.44
N LYS B 161 19.43 -16.13 0.78
CA LYS B 161 19.32 -17.45 1.40
C LYS B 161 19.83 -18.54 0.45
N ALA B 162 19.56 -18.39 -0.84
CA ALA B 162 20.09 -19.34 -1.82
C ALA B 162 21.55 -19.09 -2.12
N LYS B 163 22.00 -17.83 -2.05
CA LYS B 163 23.40 -17.52 -2.28
C LYS B 163 24.26 -17.96 -1.10
N SER B 164 23.81 -17.67 0.13
CA SER B 164 24.61 -17.99 1.31
C SER B 164 24.75 -19.49 1.49
N ASN B 165 23.77 -20.26 1.04
CA ASN B 165 23.79 -21.72 1.10
C ASN B 165 23.33 -22.31 -0.24
N PRO B 166 24.27 -22.59 -1.15
CA PRO B 166 23.93 -23.24 -2.41
C PRO B 166 23.52 -24.70 -2.29
N GLU B 167 23.38 -25.25 -1.08
CA GLU B 167 22.99 -26.65 -0.95
C GLU B 167 21.60 -26.89 -1.51
N LEU B 168 20.63 -26.10 -1.08
CA LEU B 168 19.27 -26.26 -1.56
C LEU B 168 19.11 -25.67 -2.96
N ASN B 169 18.02 -26.08 -3.62
CA ASN B 169 17.74 -25.57 -4.96
C ASN B 169 17.48 -24.06 -4.95
N TYR B 170 16.86 -23.56 -3.89
CA TYR B 170 16.42 -22.17 -3.85
C TYR B 170 16.33 -21.72 -2.39
N GLY B 171 16.19 -20.41 -2.21
CA GLY B 171 15.90 -19.84 -0.92
C GLY B 171 14.43 -19.50 -0.81
N PHE B 172 13.76 -20.09 0.16
CA PHE B 172 12.32 -19.93 0.34
C PHE B 172 12.03 -19.39 1.73
N ILE B 173 11.22 -18.32 1.79
CA ILE B 173 10.77 -17.75 3.04
C ILE B 173 9.35 -17.24 2.84
N SER B 174 8.60 -17.17 3.94
CA SER B 174 7.17 -16.85 3.90
C SER B 174 6.89 -15.70 4.85
N SER B 175 5.61 -15.31 4.88
CA SER B 175 5.11 -14.32 5.84
C SER B 175 4.25 -15.00 6.90
N ASP B 176 4.64 -16.21 7.31
CA ASP B 176 3.98 -16.92 8.39
C ASP B 176 2.54 -17.30 8.04
N LYS B 179 -0.44 -18.21 9.40
CA LYS B 179 -1.66 -18.09 8.62
C LYS B 179 -1.77 -19.22 7.60
N ILE B 180 -3.00 -19.67 7.34
CA ILE B 180 -3.27 -20.75 6.40
C ILE B 180 -4.08 -20.20 5.24
N ILE B 181 -3.69 -20.58 4.03
CA ILE B 181 -4.54 -20.37 2.87
C ILE B 181 -5.65 -21.42 2.89
N LEU B 182 -6.88 -21.00 2.64
CA LEU B 182 -7.98 -21.95 2.58
C LEU B 182 -7.92 -22.72 1.27
N GLY B 183 -8.34 -23.99 1.34
CA GLY B 183 -8.34 -24.82 0.15
C GLY B 183 -9.49 -24.49 -0.78
N LYS B 184 -9.31 -24.87 -2.05
CA LYS B 184 -10.38 -24.68 -3.02
C LYS B 184 -11.66 -25.35 -2.57
N GLN B 185 -11.56 -26.58 -2.08
CA GLN B 185 -12.72 -27.24 -1.49
C GLN B 185 -13.23 -26.46 -0.28
N GLN B 186 -12.32 -25.99 0.58
CA GLN B 186 -12.72 -25.27 1.79
C GLN B 186 -13.39 -23.94 1.45
N TRP B 187 -12.99 -23.30 0.35
CA TRP B 187 -13.62 -22.04 -0.03
C TRP B 187 -15.05 -22.27 -0.51
N LYS B 188 -15.29 -23.36 -1.25
CA LYS B 188 -16.60 -23.58 -1.84
C LYS B 188 -17.64 -23.87 -0.76
N THR B 189 -17.34 -24.77 0.17
CA THR B 189 -18.27 -25.05 1.25
C THR B 189 -18.56 -23.80 2.06
N LEU B 190 -17.54 -23.01 2.34
CA LEU B 190 -17.72 -21.79 3.12
C LEU B 190 -18.51 -20.74 2.35
N VAL B 191 -18.37 -20.71 1.01
CA VAL B 191 -19.18 -19.80 0.21
C VAL B 191 -20.61 -20.33 0.08
N GLU B 192 -20.76 -21.63 -0.09
CA GLU B 192 -22.10 -22.22 -0.14
C GLU B 192 -22.86 -21.97 1.16
N GLU B 193 -22.15 -22.05 2.30
CA GLU B 193 -22.79 -21.78 3.57
C GLU B 193 -23.17 -20.31 3.71
N ALA B 194 -22.26 -19.42 3.30
CA ALA B 194 -22.56 -17.99 3.36
C ALA B 194 -23.75 -17.64 2.48
N ILE B 195 -23.86 -18.28 1.31
CA ILE B 195 -25.03 -18.07 0.46
C ILE B 195 -26.28 -18.63 1.13
N HIS B 196 -26.20 -19.86 1.63
CA HIS B 196 -27.36 -20.49 2.25
C HIS B 196 -27.84 -19.68 3.45
N ASN B 197 -26.94 -19.27 4.32
CA ASN B 197 -27.28 -18.47 5.49
C ASN B 197 -27.41 -16.99 5.18
N ASP B 198 -27.09 -16.56 3.97
CA ASP B 198 -27.29 -15.18 3.53
C ASP B 198 -26.50 -14.22 4.42
N TRP B 199 -25.21 -14.49 4.56
CA TRP B 199 -24.34 -13.71 5.44
C TRP B 199 -23.61 -12.57 4.73
N PHE B 200 -23.80 -12.41 3.43
CA PHE B 200 -23.04 -11.44 2.67
C PHE B 200 -23.54 -10.02 2.90
N THR B 201 -22.60 -9.08 2.97
CA THR B 201 -22.89 -7.65 3.02
C THR B 201 -22.14 -6.97 1.89
N PHE B 202 -22.73 -5.89 1.37
CA PHE B 202 -22.24 -5.26 0.15
C PHE B 202 -21.94 -3.79 0.37
N ARG B 203 -20.84 -3.33 -0.23
CA ARG B 203 -20.53 -1.92 -0.35
C ARG B 203 -20.46 -1.57 -1.83
N TYR B 204 -21.00 -0.40 -2.17
CA TYR B 204 -21.10 0.05 -3.56
C TYR B 204 -20.14 1.22 -3.75
N GLN B 205 -19.05 0.98 -4.47
CA GLN B 205 -18.03 2.00 -4.70
C GLN B 205 -18.42 2.81 -5.93
N ALA B 206 -18.54 4.13 -5.75
CA ALA B 206 -19.00 4.99 -6.83
C ALA B 206 -17.92 5.18 -7.89
N ALA B 207 -18.34 5.12 -9.15
CA ALA B 207 -17.49 5.46 -10.29
C ALA B 207 -18.01 6.77 -10.86
N ASN B 208 -17.39 7.87 -10.46
CA ASN B 208 -17.88 9.21 -10.78
C ASN B 208 -17.07 9.83 -11.92
N SER B 209 -17.70 10.81 -12.57
CA SER B 209 -17.05 11.57 -13.62
C SER B 209 -16.22 12.71 -13.02
N SER B 210 -15.61 13.50 -13.90
CA SER B 210 -14.76 14.60 -13.42
C SER B 210 -15.54 15.57 -12.56
N TRP B 211 -16.80 15.82 -12.90
CA TRP B 211 -17.61 16.80 -12.18
C TRP B 211 -18.47 16.20 -11.09
N GLY B 212 -18.41 14.88 -10.88
CA GLY B 212 -19.07 14.23 -9.76
C GLY B 212 -20.31 13.43 -10.10
N LYS B 213 -20.67 13.29 -11.37
CA LYS B 213 -21.82 12.47 -11.73
C LYS B 213 -21.46 10.99 -11.62
N THR B 214 -22.30 10.23 -10.94
CA THR B 214 -22.08 8.81 -10.74
C THR B 214 -22.43 8.06 -12.02
N PHE B 215 -21.41 7.55 -12.72
CA PHE B 215 -21.67 6.69 -13.86
C PHE B 215 -22.37 5.41 -13.43
N HIS B 216 -21.78 4.69 -12.47
CA HIS B 216 -22.43 3.56 -11.82
C HIS B 216 -21.74 3.33 -10.48
N ARG B 217 -22.18 2.29 -9.79
CA ARG B 217 -21.58 1.88 -8.52
C ARG B 217 -21.27 0.39 -8.59
N GLU B 218 -20.00 0.03 -8.38
CA GLU B 218 -19.56 -1.35 -8.49
C GLU B 218 -19.79 -2.07 -7.16
N VAL B 219 -20.25 -3.32 -7.26
CA VAL B 219 -20.64 -4.09 -6.09
C VAL B 219 -19.44 -4.89 -5.58
N PHE B 220 -19.21 -4.83 -4.28
CA PHE B 220 -18.16 -5.60 -3.62
C PHE B 220 -18.76 -6.46 -2.53
N SER B 221 -18.32 -7.71 -2.45
CA SER B 221 -18.93 -8.71 -1.59
C SER B 221 -18.00 -9.11 -0.46
N ALA B 222 -18.62 -9.44 0.69
CA ALA B 222 -17.90 -9.91 1.86
C ALA B 222 -18.92 -10.51 2.82
N PHE B 223 -18.40 -11.21 3.83
CA PHE B 223 -19.26 -11.83 4.83
C PHE B 223 -18.40 -12.18 6.05
N GLU B 224 -19.07 -12.62 7.11
CA GLU B 224 -18.44 -12.90 8.39
C GLU B 224 -18.66 -14.34 8.81
N LYS B 225 -17.69 -14.88 9.53
CA LYS B 225 -17.82 -16.17 10.19
C LYS B 225 -16.65 -16.34 11.14
N ASP B 226 -16.94 -16.81 12.35
CA ASP B 226 -15.92 -17.02 13.38
C ASP B 226 -15.21 -15.72 13.75
N GLY B 227 -15.88 -14.57 13.58
CA GLY B 227 -15.17 -13.31 13.76
C GLY B 227 -14.11 -13.04 12.72
N VAL B 228 -14.30 -13.54 11.50
CA VAL B 228 -13.37 -13.32 10.40
C VAL B 228 -14.14 -12.73 9.23
N ARG B 229 -13.51 -11.77 8.55
CA ARG B 229 -14.11 -11.07 7.42
C ARG B 229 -13.48 -11.61 6.14
N TYR B 230 -14.31 -12.12 5.24
CA TYR B 230 -13.87 -12.72 4.00
C TYR B 230 -14.35 -11.88 2.82
N THR B 231 -13.40 -11.41 2.01
CA THR B 231 -13.72 -10.68 0.79
C THR B 231 -13.78 -11.62 -0.40
N ALA B 232 -14.45 -11.18 -1.46
CA ALA B 232 -14.71 -12.05 -2.59
C ALA B 232 -13.42 -12.45 -3.31
N ASN B 233 -12.39 -11.59 -3.28
CA ASN B 233 -11.15 -11.92 -3.96
C ASN B 233 -10.40 -13.08 -3.31
N GLN B 234 -10.77 -13.45 -2.08
CA GLN B 234 -10.10 -14.55 -1.41
C GLN B 234 -10.55 -15.91 -1.92
N PHE B 235 -11.78 -16.01 -2.41
CA PHE B 235 -12.34 -17.30 -2.80
C PHE B 235 -12.80 -17.38 -4.25
N LEU B 236 -12.90 -16.25 -4.96
CA LEU B 236 -13.48 -16.29 -6.30
C LEU B 236 -12.63 -17.12 -7.25
N PHE B 237 -11.31 -17.06 -7.11
CA PHE B 237 -10.44 -17.86 -7.98
C PHE B 237 -10.71 -19.35 -7.76
N ALA B 238 -10.97 -19.75 -6.52
CA ALA B 238 -11.26 -21.16 -6.24
C ALA B 238 -12.59 -21.58 -6.82
N LEU B 239 -13.56 -20.66 -6.87
CA LEU B 239 -14.87 -21.00 -7.43
C LEU B 239 -14.79 -21.30 -8.92
N GLU B 240 -13.84 -20.68 -9.63
CA GLU B 240 -13.79 -20.84 -11.08
C GLU B 240 -13.21 -22.19 -11.49
N GLN B 241 -12.11 -22.61 -10.86
CA GLN B 241 -11.55 -23.92 -11.16
C GLN B 241 -12.32 -25.06 -10.51
N LEU B 242 -13.30 -24.76 -9.66
CA LEU B 242 -14.31 -25.72 -9.25
C LEU B 242 -15.61 -25.56 -10.05
N ASN B 243 -15.63 -24.68 -11.04
CA ASN B 243 -16.82 -24.45 -11.87
C ASN B 243 -18.04 -24.09 -11.01
N ALA B 244 -17.81 -23.32 -9.96
CA ALA B 244 -18.87 -22.89 -9.06
C ALA B 244 -19.03 -21.37 -9.03
N SER B 245 -18.50 -20.68 -10.05
CA SER B 245 -18.58 -19.22 -10.05
C SER B 245 -20.00 -18.75 -10.30
N HIS B 246 -20.82 -19.58 -10.94
CA HIS B 246 -22.16 -19.14 -11.31
C HIS B 246 -23.07 -19.06 -10.08
N ILE B 247 -22.91 -19.98 -9.13
CA ILE B 247 -23.78 -19.95 -7.95
C ILE B 247 -23.52 -18.70 -7.12
N PHE B 248 -22.28 -18.20 -7.11
CA PHE B 248 -22.00 -16.96 -6.42
C PHE B 248 -22.48 -15.75 -7.22
N ASP B 249 -22.24 -15.75 -8.53
CA ASP B 249 -22.71 -14.64 -9.36
C ASP B 249 -24.23 -14.57 -9.37
N GLN B 250 -24.90 -15.73 -9.39
CA GLN B 250 -26.36 -15.72 -9.33
C GLN B 250 -26.84 -15.19 -7.99
N TYR B 251 -26.14 -15.52 -6.91
CA TYR B 251 -26.53 -15.02 -5.59
C TYR B 251 -26.32 -13.52 -5.49
N VAL B 252 -25.25 -13.00 -6.08
CA VAL B 252 -25.00 -11.55 -6.03
C VAL B 252 -26.00 -10.81 -6.91
N ILE B 253 -26.37 -11.40 -8.05
CA ILE B 253 -27.30 -10.72 -8.96
C ILE B 253 -28.67 -10.59 -8.32
N GLU B 254 -29.16 -11.66 -7.66
CA GLU B 254 -30.48 -11.59 -7.04
C GLU B 254 -30.49 -10.61 -5.87
N ARG B 255 -29.41 -10.57 -5.08
CA ARG B 255 -29.36 -9.64 -3.97
C ARG B 255 -29.37 -8.19 -4.46
N VAL B 256 -28.60 -7.90 -5.50
CA VAL B 256 -28.56 -6.54 -6.03
C VAL B 256 -29.93 -6.14 -6.57
N ILE B 257 -30.66 -7.07 -7.16
CA ILE B 257 -31.98 -6.76 -7.71
C ILE B 257 -32.94 -6.38 -6.59
N GLN B 258 -32.80 -7.03 -5.42
CA GLN B 258 -33.63 -6.67 -4.28
C GLN B 258 -33.40 -5.23 -3.86
N GLN B 259 -32.13 -4.86 -3.66
CA GLN B 259 -31.82 -3.46 -3.33
C GLN B 259 -32.29 -2.52 -4.43
N LEU B 260 -32.19 -2.96 -5.69
CA LEU B 260 -32.64 -2.12 -6.80
C LEU B 260 -34.15 -1.98 -6.83
N GLU B 261 -34.88 -3.04 -6.43
CA GLU B 261 -36.33 -3.00 -6.45
C GLU B 261 -36.93 -2.34 -5.22
N LYS B 262 -36.12 -1.93 -4.25
CA LYS B 262 -36.60 -1.14 -3.12
C LYS B 262 -36.60 0.35 -3.44
N GLY B 263 -36.33 0.73 -4.68
CA GLY B 263 -36.51 2.09 -5.13
C GLY B 263 -35.60 3.11 -4.47
N GLU B 264 -34.50 2.67 -3.87
CA GLU B 264 -33.63 3.59 -3.14
C GLU B 264 -32.48 4.13 -3.96
N LEU B 265 -32.09 3.45 -5.04
CA LEU B 265 -30.90 3.80 -5.80
C LEU B 265 -31.28 4.43 -7.14
N THR B 266 -30.61 5.53 -7.47
CA THR B 266 -30.83 6.22 -8.74
C THR B 266 -29.88 5.77 -9.84
N ASP B 267 -28.71 5.24 -9.47
CA ASP B 267 -27.63 5.00 -10.42
C ASP B 267 -27.45 3.52 -10.69
N PRO B 268 -26.94 3.16 -11.87
CA PRO B 268 -26.72 1.75 -12.19
C PRO B 268 -25.71 1.12 -11.26
N LEU B 269 -25.83 -0.19 -11.08
CA LEU B 269 -24.94 -0.98 -10.25
C LEU B 269 -24.14 -1.93 -11.14
N ALA B 270 -22.82 -1.91 -10.98
CA ALA B 270 -21.94 -2.75 -11.77
C ALA B 270 -21.68 -4.06 -11.01
N ILE B 271 -21.98 -5.18 -11.66
CA ILE B 271 -21.78 -6.50 -11.08
C ILE B 271 -20.67 -7.20 -11.85
N ASN B 272 -19.61 -7.56 -11.16
CA ASN B 272 -18.53 -8.31 -11.78
C ASN B 272 -18.97 -9.75 -12.01
N ILE B 273 -18.98 -10.17 -13.28
CA ILE B 273 -19.37 -11.53 -13.66
C ILE B 273 -18.10 -12.29 -13.99
N ALA B 274 -17.89 -13.43 -13.32
CA ALA B 274 -16.70 -14.22 -13.53
C ALA B 274 -16.69 -14.82 -14.94
N GLN B 275 -15.51 -15.25 -15.37
CA GLN B 275 -15.38 -15.84 -16.70
C GLN B 275 -16.02 -17.22 -16.76
N GLY B 276 -15.91 -18.00 -15.68
CA GLY B 276 -16.52 -19.31 -15.66
C GLY B 276 -18.03 -19.28 -15.70
N SER B 277 -18.63 -18.20 -15.20
CA SER B 277 -20.09 -18.09 -15.24
C SER B 277 -20.59 -17.92 -16.66
N ILE B 278 -19.98 -17.02 -17.43
CA ILE B 278 -20.43 -16.77 -18.79
C ILE B 278 -20.22 -17.99 -19.67
N SER B 279 -19.26 -18.83 -19.32
CA SER B 279 -18.98 -20.04 -20.10
C SER B 279 -20.04 -21.12 -19.91
N GLN B 280 -20.87 -21.03 -18.86
CA GLN B 280 -21.87 -22.06 -18.61
C GLN B 280 -23.18 -21.71 -19.29
N PRO B 281 -23.73 -22.60 -20.12
CA PRO B 281 -25.03 -22.32 -20.75
C PRO B 281 -26.16 -22.19 -19.75
N SER B 282 -26.11 -22.91 -18.62
CA SER B 282 -27.15 -22.78 -17.61
C SER B 282 -27.20 -21.35 -17.07
N PHE B 283 -26.03 -20.71 -16.94
CA PHE B 283 -26.00 -19.32 -16.48
C PHE B 283 -26.56 -18.38 -17.54
N ILE B 284 -26.36 -18.69 -18.82
CA ILE B 284 -26.92 -17.86 -19.88
C ILE B 284 -28.45 -17.94 -19.86
N ARG B 285 -28.99 -19.15 -19.74
CA ARG B 285 -30.44 -19.31 -19.59
C ARG B 285 -30.93 -18.64 -18.32
N TRP B 286 -30.13 -18.69 -17.26
CA TRP B 286 -30.55 -18.14 -15.97
C TRP B 286 -30.63 -16.62 -16.00
N ILE B 287 -29.79 -15.98 -16.80
CA ILE B 287 -29.76 -14.52 -16.80
C ILE B 287 -30.95 -13.95 -17.57
N SER B 288 -31.35 -14.60 -18.66
CA SER B 288 -32.50 -14.11 -19.42
C SER B 288 -33.80 -14.34 -18.64
N GLN B 289 -33.94 -15.52 -18.02
CA GLN B 289 -35.15 -15.80 -17.26
C GLN B 289 -35.28 -14.88 -16.06
N THR B 290 -34.19 -14.68 -15.32
CA THR B 290 -34.25 -13.84 -14.12
C THR B 290 -34.41 -12.37 -14.49
N LEU B 291 -33.76 -11.93 -15.57
CA LEU B 291 -33.94 -10.54 -16.01
C LEU B 291 -35.34 -10.30 -16.55
N SER B 292 -36.00 -11.33 -17.06
CA SER B 292 -37.36 -11.17 -17.56
C SER B 292 -38.32 -10.85 -16.43
N LYS B 293 -38.14 -11.48 -15.28
CA LYS B 293 -39.01 -11.26 -14.12
C LYS B 293 -38.58 -10.08 -13.27
N HIS B 294 -37.66 -9.24 -13.77
CA HIS B 294 -37.20 -8.05 -13.07
C HIS B 294 -36.90 -6.95 -14.07
N LEU B 295 -37.78 -6.77 -15.05
CA LEU B 295 -37.51 -5.86 -16.16
C LEU B 295 -37.48 -4.40 -15.71
N SER B 296 -38.17 -4.08 -14.61
CA SER B 296 -38.30 -2.67 -14.22
C SER B 296 -36.96 -2.06 -13.83
N VAL B 297 -36.05 -2.84 -13.23
CA VAL B 297 -34.78 -2.34 -12.74
C VAL B 297 -33.62 -2.77 -13.62
N ALA B 298 -33.91 -3.35 -14.79
CA ALA B 298 -32.83 -3.85 -15.63
C ALA B 298 -31.92 -2.73 -16.10
N ASN B 299 -32.49 -1.55 -16.37
CA ASN B 299 -31.69 -0.43 -16.84
C ASN B 299 -30.66 0.03 -15.81
N LEU B 300 -30.85 -0.34 -14.54
CA LEU B 300 -29.92 0.01 -13.47
C LEU B 300 -28.89 -1.07 -13.21
N LEU B 301 -28.64 -1.95 -14.18
CA LEU B 301 -27.71 -3.06 -14.01
C LEU B 301 -26.61 -2.97 -15.06
N HIS B 302 -25.37 -2.88 -14.60
CA HIS B 302 -24.18 -2.92 -15.44
C HIS B 302 -23.45 -4.22 -15.16
N PHE B 303 -23.43 -5.13 -16.14
CA PHE B 303 -22.72 -6.40 -16.03
C PHE B 303 -21.28 -6.17 -16.49
N GLU B 304 -20.33 -6.29 -15.57
CA GLU B 304 -18.92 -5.99 -15.84
C GLU B 304 -18.23 -7.29 -16.27
N ILE B 305 -17.90 -7.38 -17.54
CA ILE B 305 -17.35 -8.60 -18.14
C ILE B 305 -15.84 -8.45 -18.21
N PRO B 306 -15.05 -9.42 -17.73
CA PRO B 306 -13.60 -9.35 -17.90
C PRO B 306 -13.23 -9.42 -19.38
N GLU B 307 -12.11 -8.79 -19.71
CA GLU B 307 -11.65 -8.79 -21.10
C GLU B 307 -11.41 -10.21 -21.62
N GLY B 308 -10.96 -11.11 -20.75
CA GLY B 308 -10.69 -12.47 -21.20
C GLY B 308 -11.88 -13.14 -21.85
N CYS B 309 -13.10 -12.81 -21.42
CA CYS B 309 -14.28 -13.42 -22.01
C CYS B 309 -14.45 -12.99 -23.45
N PHE B 310 -14.21 -11.71 -23.75
CA PHE B 310 -14.39 -11.23 -25.12
C PHE B 310 -13.34 -11.83 -26.06
N VAL B 311 -12.11 -12.00 -25.57
CA VAL B 311 -11.03 -12.46 -26.44
C VAL B 311 -10.93 -13.99 -26.49
N ASN B 312 -11.29 -14.68 -25.41
CA ASN B 312 -11.14 -16.12 -25.34
C ASN B 312 -12.45 -16.90 -25.36
N GLU B 313 -13.58 -16.24 -25.13
CA GLU B 313 -14.89 -16.90 -25.17
C GLU B 313 -15.88 -15.98 -25.88
N PRO B 314 -15.60 -15.61 -27.13
CA PRO B 314 -16.47 -14.65 -27.82
C PRO B 314 -17.89 -15.14 -28.02
N HIS B 315 -18.06 -16.43 -28.35
CA HIS B 315 -19.40 -16.95 -28.62
C HIS B 315 -20.28 -16.86 -27.39
N TYR B 316 -19.83 -17.45 -26.27
CA TYR B 316 -20.63 -17.40 -25.05
C TYR B 316 -20.80 -15.96 -24.57
N THR B 317 -19.74 -15.15 -24.64
CA THR B 317 -19.83 -13.77 -24.18
C THR B 317 -20.82 -12.98 -25.03
N ALA B 318 -20.88 -13.26 -26.33
CA ALA B 318 -21.83 -12.57 -27.19
C ALA B 318 -23.27 -12.93 -26.82
N LEU B 319 -23.53 -14.21 -26.53
CA LEU B 319 -24.87 -14.61 -26.12
C LEU B 319 -25.27 -13.94 -24.82
N PHE B 320 -24.33 -13.85 -23.86
CA PHE B 320 -24.64 -13.20 -22.59
C PHE B 320 -24.89 -11.71 -22.78
N CYS B 321 -24.13 -11.06 -23.66
CA CYS B 321 -24.31 -9.64 -23.90
C CYS B 321 -25.66 -9.35 -24.54
N ASN B 322 -26.00 -10.11 -25.60
CA ASN B 322 -27.30 -9.92 -26.24
C ASN B 322 -28.44 -10.22 -25.28
N ALA B 323 -28.27 -11.25 -24.44
CA ALA B 323 -29.29 -11.55 -23.44
C ALA B 323 -29.45 -10.39 -22.46
N VAL B 324 -28.34 -9.87 -21.96
CA VAL B 324 -28.39 -8.73 -21.03
C VAL B 324 -28.98 -7.51 -21.73
N ARG B 325 -28.47 -7.18 -22.92
CA ARG B 325 -28.95 -6.01 -23.64
C ARG B 325 -30.41 -6.15 -24.03
N ASN B 326 -30.85 -7.38 -24.37
CA ASN B 326 -32.25 -7.57 -24.75
C ASN B 326 -33.20 -7.31 -23.59
N ALA B 327 -32.75 -7.51 -22.36
CA ALA B 327 -33.59 -7.33 -21.18
C ALA B 327 -33.58 -5.90 -20.65
N GLY B 328 -32.95 -4.97 -21.38
CA GLY B 328 -32.88 -3.59 -20.93
C GLY B 328 -31.66 -3.25 -20.10
N ALA B 329 -30.77 -4.21 -19.85
CA ALA B 329 -29.55 -3.97 -19.11
C ALA B 329 -28.40 -3.70 -20.09
N ASP B 330 -27.23 -3.44 -19.54
CA ASP B 330 -26.05 -3.14 -20.35
C ASP B 330 -24.84 -3.82 -19.73
N PHE B 331 -23.72 -3.79 -20.47
CA PHE B 331 -22.49 -4.43 -20.02
C PHE B 331 -21.30 -3.53 -20.33
N GLY B 332 -20.20 -3.78 -19.63
CA GLY B 332 -18.96 -3.09 -19.89
C GLY B 332 -17.79 -4.04 -19.78
N VAL B 333 -16.63 -3.56 -20.22
CA VAL B 333 -15.40 -4.35 -20.22
C VAL B 333 -14.60 -3.99 -18.98
N ASP B 334 -14.25 -5.01 -18.18
CA ASP B 334 -13.38 -4.84 -17.03
C ASP B 334 -11.99 -5.35 -17.38
N ASN B 335 -10.97 -4.68 -16.83
CA ASN B 335 -9.58 -5.02 -17.12
C ASN B 335 -9.28 -4.84 -18.61
N TYR B 336 -9.74 -3.74 -19.18
CA TYR B 336 -9.54 -3.50 -20.61
C TYR B 336 -8.06 -3.40 -20.93
N GLY B 337 -7.60 -4.26 -21.83
CA GLY B 337 -6.21 -4.30 -22.25
C GLY B 337 -5.30 -5.19 -21.41
N ARG B 338 -5.82 -5.84 -20.38
CA ARG B 338 -4.98 -6.64 -19.50
C ARG B 338 -4.34 -7.81 -20.25
N ASN B 339 -5.11 -8.46 -21.12
CA ASN B 339 -4.68 -9.72 -21.71
C ASN B 339 -3.60 -9.56 -22.77
N PHE B 340 -3.21 -8.34 -23.12
CA PHE B 340 -2.14 -8.11 -24.11
C PHE B 340 -2.50 -8.77 -25.44
N GLN B 341 -3.78 -8.74 -25.80
CA GLN B 341 -4.20 -9.30 -27.07
C GLN B 341 -5.02 -8.29 -27.87
N SER B 342 -6.13 -8.73 -28.45
CA SER B 342 -6.91 -7.87 -29.32
C SER B 342 -7.56 -6.74 -28.55
N LEU B 343 -7.49 -5.54 -29.12
CA LEU B 343 -8.31 -4.41 -28.70
C LEU B 343 -9.41 -4.10 -29.70
N ASP B 344 -9.59 -4.98 -30.70
CA ASP B 344 -10.62 -4.77 -31.71
C ASP B 344 -12.02 -5.02 -31.16
N TYR B 345 -12.16 -6.03 -30.30
CA TYR B 345 -13.47 -6.57 -29.95
C TYR B 345 -14.45 -5.50 -29.46
N ILE B 346 -13.96 -4.38 -28.91
CA ILE B 346 -14.88 -3.35 -28.48
C ILE B 346 -15.63 -2.74 -29.66
N ASN B 347 -15.10 -2.92 -30.88
CA ASN B 347 -15.84 -2.48 -32.06
C ASN B 347 -17.03 -3.38 -32.34
N GLU B 348 -16.87 -4.70 -32.14
CA GLU B 348 -17.95 -5.64 -32.41
C GLU B 348 -18.97 -5.67 -31.28
N PHE B 349 -18.51 -5.71 -30.03
CA PHE B 349 -19.42 -5.77 -28.89
C PHE B 349 -20.02 -4.42 -28.54
N ARG B 350 -19.36 -3.32 -28.89
CA ARG B 350 -19.82 -1.98 -28.57
C ARG B 350 -20.23 -1.87 -27.10
N PRO B 351 -19.30 -2.10 -26.18
CA PRO B 351 -19.64 -2.05 -24.75
C PRO B 351 -19.98 -0.63 -24.32
N LYS B 352 -20.77 -0.55 -23.24
CA LYS B 352 -21.14 0.75 -22.70
C LYS B 352 -19.94 1.49 -22.16
N TYR B 353 -18.97 0.76 -21.60
CA TYR B 353 -17.79 1.37 -21.02
C TYR B 353 -16.65 0.36 -21.04
N VAL B 354 -15.44 0.88 -20.84
CA VAL B 354 -14.24 0.06 -20.68
C VAL B 354 -13.52 0.52 -19.42
N LYS B 355 -13.43 -0.35 -18.43
CA LYS B 355 -12.65 -0.10 -17.23
C LYS B 355 -11.20 -0.49 -17.50
N LEU B 356 -10.34 0.50 -17.69
CA LEU B 356 -8.94 0.20 -17.97
C LEU B 356 -8.32 -0.59 -16.83
N ASP B 357 -7.46 -1.55 -17.19
CA ASP B 357 -6.80 -2.39 -16.22
C ASP B 357 -5.81 -1.57 -15.38
N TYR B 358 -5.53 -2.08 -14.18
CA TYR B 358 -4.59 -1.42 -13.28
C TYR B 358 -3.25 -1.15 -13.95
N LEU B 359 -2.87 -1.97 -14.93
CA LEU B 359 -1.54 -1.87 -15.51
C LEU B 359 -1.34 -0.54 -16.23
N PHE B 360 -2.36 -0.07 -16.94
CA PHE B 360 -2.22 1.11 -17.79
C PHE B 360 -2.68 2.39 -17.10
N THR B 361 -3.14 2.31 -15.86
CA THR B 361 -3.60 3.48 -15.12
C THR B 361 -2.67 3.89 -13.99
N HIS B 362 -1.79 3.00 -13.54
CA HIS B 362 -0.90 3.27 -12.42
C HIS B 362 0.55 3.10 -12.84
N HIS B 363 1.44 3.76 -12.10
CA HIS B 363 2.88 3.58 -12.25
C HIS B 363 3.34 3.91 -13.68
N LEU B 364 2.85 5.03 -14.19
CA LEU B 364 3.23 5.49 -15.54
C LEU B 364 4.49 6.36 -15.44
N ASP B 365 5.59 5.70 -15.09
CA ASP B 365 6.86 6.37 -14.86
C ASP B 365 7.64 6.64 -16.15
N ASP B 366 7.29 5.97 -17.24
CA ASP B 366 7.96 6.14 -18.52
C ASP B 366 7.01 6.81 -19.51
N GLU B 367 7.57 7.62 -20.41
CA GLU B 367 6.75 8.30 -21.39
C GLU B 367 6.00 7.32 -22.28
N ARG B 368 6.57 6.13 -22.51
CA ARG B 368 5.92 5.16 -23.36
C ARG B 368 4.69 4.54 -22.69
N GLN B 369 4.69 4.48 -21.36
CA GLN B 369 3.48 4.05 -20.66
C GLN B 369 2.37 5.08 -20.79
N LYS B 370 2.72 6.37 -20.73
CA LYS B 370 1.71 7.41 -20.93
C LYS B 370 1.17 7.39 -22.36
N PHE B 371 2.04 7.13 -23.33
CA PHE B 371 1.58 7.00 -24.71
C PHE B 371 0.55 5.90 -24.84
N THR B 372 0.76 4.77 -24.15
CA THR B 372 -0.21 3.68 -24.20
C THR B 372 -1.54 4.11 -23.62
N LEU B 373 -1.52 4.82 -22.49
CA LEU B 373 -2.76 5.27 -21.86
C LEU B 373 -3.56 6.15 -22.82
N THR B 374 -2.92 7.16 -23.41
CA THR B 374 -3.60 8.01 -24.36
C THR B 374 -4.16 7.20 -25.53
N SER B 375 -3.38 6.25 -26.03
CA SER B 375 -3.82 5.45 -27.17
C SER B 375 -4.99 4.54 -26.77
N ILE B 376 -4.87 3.86 -25.64
CA ILE B 376 -5.98 3.03 -25.15
C ILE B 376 -7.22 3.90 -24.92
N SER B 377 -7.04 5.07 -24.31
CA SER B 377 -8.16 6.00 -24.13
C SER B 377 -8.69 6.50 -25.46
N ARG B 378 -7.82 6.60 -26.47
CA ARG B 378 -8.23 7.15 -27.76
C ARG B 378 -9.08 6.17 -28.56
N THR B 379 -8.72 4.88 -28.54
CA THR B 379 -9.50 3.90 -29.29
C THR B 379 -10.92 3.80 -28.76
N ALA B 380 -11.07 3.73 -27.44
CA ALA B 380 -12.41 3.69 -26.86
C ALA B 380 -13.16 4.98 -27.12
N HIS B 381 -12.46 6.12 -27.03
CA HIS B 381 -13.11 7.40 -27.29
C HIS B 381 -13.55 7.52 -28.73
N ASN B 382 -12.84 6.86 -29.66
CA ASN B 382 -13.24 6.89 -31.06
C ASN B 382 -14.50 6.10 -31.34
N LEU B 383 -15.03 5.37 -30.35
CA LEU B 383 -16.29 4.64 -30.49
C LEU B 383 -17.35 5.11 -29.52
N GLY B 384 -17.14 6.24 -28.85
CA GLY B 384 -18.09 6.71 -27.86
C GLY B 384 -18.19 5.84 -26.63
N ILE B 385 -17.20 4.99 -26.38
CA ILE B 385 -17.20 4.10 -25.23
C ILE B 385 -16.63 4.84 -24.04
N THR B 386 -17.37 4.83 -22.93
CA THR B 386 -16.92 5.53 -21.73
C THR B 386 -15.69 4.84 -21.15
N THR B 387 -14.66 5.64 -20.84
CA THR B 387 -13.44 5.14 -20.23
C THR B 387 -13.50 5.36 -18.72
N ILE B 388 -13.15 4.33 -17.96
CA ILE B 388 -13.20 4.38 -16.50
C ILE B 388 -11.85 3.93 -15.96
N ALA B 389 -11.32 4.68 -15.00
CA ALA B 389 -10.11 4.32 -14.29
C ALA B 389 -10.45 3.87 -12.88
N SER B 390 -9.83 2.78 -12.44
CA SER B 390 -10.14 2.16 -11.16
C SER B 390 -8.97 2.30 -10.19
N ARG B 391 -9.29 2.20 -8.90
CA ARG B 391 -8.29 2.28 -7.85
C ARG B 391 -7.46 3.56 -7.96
N VAL B 392 -8.16 4.67 -8.21
CA VAL B 392 -7.52 5.99 -8.24
C VAL B 392 -7.42 6.46 -6.78
N GLU B 393 -6.18 6.56 -6.29
CA GLU B 393 -5.94 6.78 -4.87
C GLU B 393 -5.70 8.24 -4.49
N THR B 394 -5.30 9.08 -5.43
CA THR B 394 -4.88 10.44 -5.12
C THR B 394 -5.54 11.44 -6.07
N GLN B 395 -5.63 12.68 -5.61
CA GLN B 395 -6.08 13.76 -6.48
C GLN B 395 -5.12 13.99 -7.62
N THR B 396 -3.82 13.72 -7.40
CA THR B 396 -2.84 13.86 -8.47
C THR B 396 -3.04 12.77 -9.53
N GLN B 397 -3.33 11.55 -9.10
CA GLN B 397 -3.64 10.48 -10.06
C GLN B 397 -4.86 10.85 -10.90
N LEU B 398 -5.93 11.30 -10.24
CA LEU B 398 -7.16 11.65 -10.96
C LEU B 398 -6.89 12.78 -11.95
N ASP B 399 -6.18 13.82 -11.51
CA ASP B 399 -5.84 14.91 -12.41
C ASP B 399 -4.96 14.43 -13.56
N PHE B 400 -3.96 13.61 -13.25
CA PHE B 400 -3.09 13.09 -14.31
C PHE B 400 -3.89 12.24 -15.29
N LEU B 401 -4.84 11.46 -14.79
CA LEU B 401 -5.67 10.64 -15.67
C LEU B 401 -6.65 11.50 -16.47
N SER B 402 -7.03 12.66 -15.94
CA SER B 402 -7.90 13.56 -16.68
C SER B 402 -7.22 14.13 -17.92
N GLU B 403 -5.89 14.32 -17.85
CA GLU B 403 -5.18 14.85 -19.01
C GLU B 403 -5.25 13.91 -20.19
N HIS B 404 -5.37 12.60 -19.92
CA HIS B 404 -5.53 11.60 -20.98
C HIS B 404 -6.99 11.32 -21.30
N PHE B 405 -7.89 12.20 -20.85
CA PHE B 405 -9.31 12.14 -21.23
C PHE B 405 -10.00 10.89 -20.68
N ILE B 406 -9.58 10.41 -19.52
CA ILE B 406 -10.36 9.42 -18.79
C ILE B 406 -11.57 10.12 -18.19
N GLU B 407 -12.76 9.56 -18.44
CA GLU B 407 -14.02 10.22 -18.12
C GLU B 407 -14.57 9.87 -16.74
N VAL B 408 -14.47 8.61 -16.32
CA VAL B 408 -15.00 8.18 -15.03
C VAL B 408 -13.85 7.67 -14.16
N PHE B 409 -13.98 7.91 -12.85
CA PHE B 409 -12.94 7.54 -11.91
C PHE B 409 -13.56 6.83 -10.71
N GLN B 410 -12.76 5.97 -10.08
CA GLN B 410 -13.23 5.13 -8.99
C GLN B 410 -12.04 4.75 -8.12
N GLY B 411 -12.23 4.82 -6.81
CA GLY B 411 -11.19 4.44 -5.90
C GLY B 411 -11.24 5.26 -4.62
N PHE B 412 -10.08 5.34 -3.96
CA PHE B 412 -10.01 5.95 -2.64
C PHE B 412 -10.28 7.45 -2.71
N ILE B 413 -9.79 8.12 -3.76
CA ILE B 413 -9.96 9.56 -3.83
C ILE B 413 -11.43 9.92 -4.05
N VAL B 414 -12.21 9.03 -4.66
CA VAL B 414 -13.62 9.32 -4.84
C VAL B 414 -14.38 9.00 -3.56
N ASP B 415 -13.83 8.15 -2.70
CA ASP B 415 -14.53 7.71 -1.51
C ASP B 415 -14.35 8.78 -0.43
N LYS B 416 -13.99 9.98 -0.85
CA LYS B 416 -13.81 11.07 0.10
C LYS B 416 -14.65 12.29 -0.32
MG MG C . 14.12 7.47 8.75
MG MG D . -14.64 -4.99 -11.63
C1 PGE E . -2.04 15.61 -28.79
O1 PGE E . -1.39 14.97 -29.89
C2 PGE E . -2.68 14.59 -27.89
O2 PGE E . -3.59 15.24 -27.03
C3 PGE E . -3.92 14.50 -25.87
C4 PGE E . -2.68 14.34 -24.99
O4 PGE E . -0.94 14.69 -21.19
C6 PGE E . -1.00 14.49 -22.60
C5 PGE E . -2.10 13.50 -22.89
O3 PGE E . -3.08 14.14 -23.66
H1 PGE E . -1.32 16.19 -28.20
H12 PGE E . -2.83 16.30 -29.14
HO1 PGE E . -2.05 14.79 -30.58
H2 PGE E . -3.19 13.82 -28.50
H22 PGE E . -1.89 14.07 -27.31
H3 PGE E . -4.70 15.01 -25.28
H32 PGE E . -4.30 13.50 -26.13
H4 PGE E . -2.10 13.49 -25.36
H42 PGE E . -2.05 15.24 -25.09
HO4 PGE E . -0.32 15.41 -21.03
H6 PGE E . -0.06 14.10 -23.01
H62 PGE E . -1.24 15.44 -23.13
H5 PGE E . -2.51 13.13 -21.94
H52 PGE E . -1.68 12.63 -23.43
#